data_5D08
#
_entry.id   5D08
#
_cell.length_a   84.301
_cell.length_b   95.780
_cell.length_c   111.175
_cell.angle_alpha   90.000
_cell.angle_beta   90.000
_cell.angle_gamma   90.000
#
_symmetry.space_group_name_H-M   'P 21 21 21'
#
loop_
_entity.id
_entity.type
_entity.pdbx_description
1 polymer 'Epoxyqueuosine reductase'
2 non-polymer 'IRON/SULFUR CLUSTER'
3 non-polymer COBALAMIN
4 non-polymer GLYCEROL
5 non-polymer 'PHOSPHATE ION'
6 non-polymer 'CHLORIDE ION'
7 water water
#
_entity_poly.entity_id   1
_entity_poly.type   'polypeptide(L)'
_entity_poly.pdbx_seq_one_letter_code
;(MSE)ASRGSHHHHHHGAGDRGPEFELGTRGS(MSE)NVYQLKEELIEYAKSIGVDKIGFTTADTFDSLKDRLILQESLG
YLSGFEEPDIEKRVTPKLLLPKAKSIVAIALAYPSR(MSE)KDAPRSTRTERRGIFCRASWGKDYHDVLREKLDLLEDFL
KSKHEDIRTKS(MSE)VDTGELSDRAVAERAGIGFSAKNC(MSE)ITTPEYGSYVYLAE(MSE)ITNIPFEPDVPIED
(MSE)CGSCTKCLDACPTGALVNPGQLNAQRCISFLTQTKGFLPDEFRTKIGNRLYGCDTCQTVCPLNKGKDFHLHPE
(MSE)EPDPEIAKPLLKPLLAISNREFKEKFGHVSGSWRGKKPIQRNAILALAHFKDASALPELTEL(MSE)HKDPRPVI
RGTAAWAIGKIGDPAYAEELEKALEKEKDEEAKLEIEKGIELLKASG(MSE)TKQGLSGSLEVDLQGDHGLSAWSHPQFE
K
;
_entity_poly.pdbx_strand_id   A,B
#
loop_
_chem_comp.id
_chem_comp.type
_chem_comp.name
_chem_comp.formula
B12 non-polymer COBALAMIN 'C62 H89 Co N13 O14 P 2'
CL non-polymer 'CHLORIDE ION' 'Cl -1'
GOL non-polymer GLYCEROL 'C3 H8 O3'
PO4 non-polymer 'PHOSPHATE ION' 'O4 P -3'
SF4 non-polymer 'IRON/SULFUR CLUSTER' 'Fe4 S4'
#
# COMPACT_ATOMS: atom_id res chain seq x y z
N ASN A 30 -36.31 7.77 28.79
CA ASN A 30 -37.28 6.83 28.24
C ASN A 30 -36.75 6.15 26.98
N VAL A 31 -36.70 6.89 25.88
CA VAL A 31 -36.05 6.40 24.68
C VAL A 31 -34.53 6.46 24.89
N TYR A 32 -34.09 7.47 25.64
CA TYR A 32 -32.68 7.56 26.00
C TYR A 32 -32.27 6.40 26.90
N GLN A 33 -33.07 6.15 27.94
CA GLN A 33 -32.84 5.02 28.82
C GLN A 33 -32.78 3.70 28.06
N LEU A 34 -33.76 3.49 27.19
CA LEU A 34 -33.84 2.26 26.40
C LEU A 34 -32.61 2.11 25.50
N LYS A 35 -32.16 3.23 24.94
CA LYS A 35 -30.95 3.21 24.11
C LYS A 35 -29.73 2.78 24.92
N GLU A 36 -29.59 3.34 26.11
CA GLU A 36 -28.45 2.99 26.96
C GLU A 36 -28.50 1.53 27.36
N GLU A 37 -29.68 1.05 27.71
CA GLU A 37 -29.88 -0.34 28.09
C GLU A 37 -29.56 -1.27 26.94
N LEU A 38 -30.00 -0.90 25.74
CA LEU A 38 -29.74 -1.67 24.53
C LEU A 38 -28.25 -1.77 24.23
N ILE A 39 -27.53 -0.67 24.38
CA ILE A 39 -26.09 -0.67 24.17
C ILE A 39 -25.37 -1.60 25.15
N GLU A 40 -25.75 -1.50 26.41
CA GLU A 40 -25.15 -2.33 27.45
C GLU A 40 -25.40 -3.81 27.15
N TYR A 41 -26.64 -4.12 26.78
CA TYR A 41 -27.01 -5.50 26.50
C TYR A 41 -26.26 -6.03 25.28
N ALA A 42 -26.20 -5.21 24.24
CA ALA A 42 -25.49 -5.59 23.02
C ALA A 42 -24.04 -5.94 23.33
N LYS A 43 -23.39 -5.11 24.14
CA LYS A 43 -22.00 -5.35 24.49
C LYS A 43 -21.85 -6.66 25.25
N SER A 44 -22.79 -6.95 26.15
CA SER A 44 -22.67 -8.14 26.97
C SER A 44 -22.79 -9.43 26.13
N ILE A 45 -23.54 -9.38 25.02
CA ILE A 45 -23.68 -10.58 24.20
C ILE A 45 -22.64 -10.66 23.07
N GLY A 46 -21.68 -9.76 23.08
CA GLY A 46 -20.56 -9.85 22.15
C GLY A 46 -20.61 -8.94 20.94
N VAL A 47 -21.54 -7.98 20.92
CA VAL A 47 -21.50 -6.99 19.85
C VAL A 47 -20.31 -6.06 20.10
N ASP A 48 -19.46 -5.90 19.10
CA ASP A 48 -18.23 -5.14 19.30
C ASP A 48 -18.41 -3.65 19.11
N LYS A 49 -19.33 -3.27 18.22
CA LYS A 49 -19.66 -1.87 18.06
C LYS A 49 -21.12 -1.74 17.65
N ILE A 50 -21.81 -0.78 18.26
CA ILE A 50 -23.22 -0.57 17.98
C ILE A 50 -23.48 0.92 17.72
N GLY A 51 -24.29 1.20 16.69
CA GLY A 51 -24.60 2.58 16.35
C GLY A 51 -26.05 2.78 15.98
N PHE A 52 -26.47 4.05 15.93
CA PHE A 52 -27.86 4.38 15.65
C PHE A 52 -27.97 5.42 14.54
N THR A 53 -28.90 5.18 13.61
CA THR A 53 -29.24 6.19 12.62
C THR A 53 -30.77 6.29 12.51
N THR A 54 -31.24 7.27 11.75
CA THR A 54 -32.67 7.42 11.48
C THR A 54 -33.10 6.38 10.45
N ALA A 55 -34.39 6.35 10.14
CA ALA A 55 -34.89 5.48 9.09
C ALA A 55 -35.16 6.30 7.83
N ASP A 56 -34.49 7.43 7.70
CA ASP A 56 -34.67 8.30 6.54
C ASP A 56 -34.10 7.64 5.29
N THR A 57 -34.53 8.10 4.12
CA THR A 57 -34.06 7.53 2.86
CA THR A 57 -34.08 7.59 2.83
C THR A 57 -32.57 7.81 2.65
N PHE A 58 -31.91 6.89 1.96
CA PHE A 58 -30.51 7.05 1.62
C PHE A 58 -30.39 7.67 0.23
N ASP A 59 -30.52 8.99 0.16
CA ASP A 59 -30.57 9.69 -1.12
C ASP A 59 -29.27 9.60 -1.89
N SER A 60 -28.16 9.82 -1.19
CA SER A 60 -26.84 9.70 -1.78
C SER A 60 -26.64 8.32 -2.40
N LEU A 61 -26.96 7.29 -1.61
CA LEU A 61 -26.82 5.91 -2.04
C LEU A 61 -27.63 5.63 -3.31
N LYS A 62 -28.83 6.19 -3.38
CA LYS A 62 -29.69 5.99 -4.55
C LYS A 62 -28.97 6.41 -5.84
N ASP A 63 -28.42 7.63 -5.84
CA ASP A 63 -27.72 8.15 -7.00
C ASP A 63 -26.51 7.30 -7.33
N ARG A 64 -25.82 6.83 -6.29
CA ARG A 64 -24.63 6.02 -6.48
C ARG A 64 -24.96 4.66 -7.09
N LEU A 65 -26.03 4.04 -6.60
CA LEU A 65 -26.43 2.74 -7.13
C LEU A 65 -26.82 2.82 -8.60
N ILE A 66 -27.55 3.87 -8.97
CA ILE A 66 -27.94 4.06 -10.37
C ILE A 66 -26.71 4.28 -11.25
N LEU A 67 -25.76 5.07 -10.78
CA LEU A 67 -24.52 5.32 -11.54
C LEU A 67 -23.70 4.04 -11.71
N GLN A 68 -23.50 3.31 -10.62
CA GLN A 68 -22.76 2.06 -10.67
C GLN A 68 -23.42 1.08 -11.63
N GLU A 69 -24.74 1.05 -11.61
CA GLU A 69 -25.47 0.20 -12.53
CA GLU A 69 -25.49 0.21 -12.53
C GLU A 69 -25.24 0.64 -13.97
N SER A 70 -25.31 1.94 -14.20
CA SER A 70 -25.10 2.52 -15.54
CA SER A 70 -25.11 2.49 -15.54
C SER A 70 -23.74 2.12 -16.09
N LEU A 71 -22.74 2.09 -15.23
CA LEU A 71 -21.37 1.80 -15.61
C LEU A 71 -21.10 0.30 -15.79
N GLY A 72 -22.03 -0.53 -15.33
CA GLY A 72 -21.84 -1.97 -15.36
C GLY A 72 -20.90 -2.46 -14.27
N TYR A 73 -20.87 -1.72 -13.17
CA TYR A 73 -19.92 -1.98 -12.09
C TYR A 73 -20.50 -2.77 -10.91
N LEU A 74 -21.79 -3.10 -10.96
CA LEU A 74 -22.36 -3.87 -9.85
C LEU A 74 -22.09 -5.37 -10.07
N SER A 75 -22.35 -6.17 -9.04
CA SER A 75 -22.01 -7.59 -9.09
C SER A 75 -23.18 -8.46 -9.50
N GLY A 76 -24.39 -8.05 -9.14
CA GLY A 76 -25.56 -8.91 -9.29
C GLY A 76 -25.97 -9.58 -7.99
N PHE A 77 -25.16 -9.43 -6.95
CA PHE A 77 -25.48 -9.97 -5.64
C PHE A 77 -26.30 -8.98 -4.80
N GLU A 78 -26.47 -7.77 -5.33
CA GLU A 78 -27.26 -6.73 -4.66
C GLU A 78 -28.74 -6.99 -4.81
N GLU A 79 -29.54 -6.56 -3.84
CA GLU A 79 -30.99 -6.50 -4.04
C GLU A 79 -31.27 -5.70 -5.30
N PRO A 80 -32.14 -6.22 -6.18
CA PRO A 80 -32.34 -5.53 -7.46
C PRO A 80 -33.21 -4.28 -7.39
N ASP A 81 -34.13 -4.21 -6.43
CA ASP A 81 -35.08 -3.09 -6.36
C ASP A 81 -34.46 -1.92 -5.60
N ILE A 82 -34.06 -0.89 -6.33
CA ILE A 82 -33.30 0.22 -5.73
C ILE A 82 -34.12 1.00 -4.70
N GLU A 83 -35.41 1.18 -4.97
CA GLU A 83 -36.29 1.86 -4.02
C GLU A 83 -36.30 1.14 -2.68
N LYS A 84 -36.30 -0.20 -2.70
CA LYS A 84 -36.26 -0.95 -1.45
C LYS A 84 -34.91 -0.77 -0.73
N ARG A 85 -33.84 -0.66 -1.50
CA ARG A 85 -32.50 -0.58 -0.92
C ARG A 85 -32.25 0.73 -0.20
N VAL A 86 -32.96 1.79 -0.59
CA VAL A 86 -32.66 3.11 -0.04
C VAL A 86 -33.77 3.65 0.85
N THR A 87 -34.82 2.86 1.06
CA THR A 87 -36.00 3.35 1.79
C THR A 87 -36.41 2.42 2.93
N PRO A 88 -35.79 2.60 4.10
CA PRO A 88 -36.08 1.76 5.28
C PRO A 88 -37.57 1.70 5.63
N LYS A 89 -38.30 2.79 5.40
CA LYS A 89 -39.72 2.83 5.73
C LYS A 89 -40.58 1.97 4.80
N LEU A 90 -40.02 1.59 3.66
CA LEU A 90 -40.68 0.62 2.77
C LEU A 90 -40.54 -0.79 3.33
N LEU A 91 -39.43 -1.04 4.00
CA LEU A 91 -39.11 -2.37 4.51
C LEU A 91 -39.87 -2.64 5.81
N LEU A 92 -39.97 -1.60 6.63
CA LEU A 92 -40.72 -1.67 7.87
C LEU A 92 -41.58 -0.42 7.98
N PRO A 93 -42.89 -0.58 7.79
CA PRO A 93 -43.82 0.56 7.85
C PRO A 93 -43.67 1.35 9.13
N LYS A 94 -43.67 2.68 9.01
CA LYS A 94 -43.58 3.59 10.16
C LYS A 94 -42.28 3.41 10.95
N ALA A 95 -41.21 3.04 10.25
CA ALA A 95 -39.91 2.91 10.88
C ALA A 95 -39.39 4.26 11.35
N LYS A 96 -38.63 4.26 12.44
CA LYS A 96 -38.09 5.50 13.00
C LYS A 96 -36.57 5.49 13.16
N SER A 97 -35.96 4.30 13.13
CA SER A 97 -34.51 4.21 13.32
C SER A 97 -33.95 2.90 12.78
N ILE A 98 -32.62 2.85 12.69
CA ILE A 98 -31.93 1.60 12.37
C ILE A 98 -30.81 1.43 13.39
N VAL A 99 -30.77 0.25 14.01
CA VAL A 99 -29.68 -0.08 14.91
C VAL A 99 -28.65 -0.88 14.12
N ALA A 100 -27.43 -0.35 14.05
CA ALA A 100 -26.34 -0.99 13.33
C ALA A 100 -25.40 -1.70 14.27
N ILE A 101 -24.97 -2.92 13.92
CA ILE A 101 -23.99 -3.62 14.72
C ILE A 101 -22.82 -4.11 13.87
N ALA A 102 -21.67 -4.26 14.53
CA ALA A 102 -20.47 -4.83 13.95
C ALA A 102 -19.82 -5.79 14.93
N LEU A 103 -19.30 -6.90 14.39
CA LEU A 103 -18.47 -7.81 15.18
C LEU A 103 -17.13 -7.94 14.45
N ALA A 104 -16.04 -7.82 15.20
CA ALA A 104 -14.69 -7.98 14.65
C ALA A 104 -14.38 -9.44 14.43
N TYR A 105 -13.72 -9.75 13.32
CA TYR A 105 -13.31 -11.13 13.05
C TYR A 105 -11.80 -11.25 12.94
N PRO A 106 -11.26 -12.45 13.24
CA PRO A 106 -9.81 -12.62 13.24
C PRO A 106 -9.19 -12.45 11.86
N SER A 107 -8.00 -11.86 11.84
CA SER A 107 -7.29 -11.57 10.60
C SER A 107 -6.03 -12.40 10.50
N ARG A 108 -5.69 -13.13 11.56
CA ARG A 108 -4.55 -14.04 11.50
C ARG A 108 -4.97 -15.45 11.91
N MSE A 109 -4.52 -16.41 11.12
CA MSE A 109 -4.81 -17.82 11.35
C MSE A 109 -3.74 -18.47 12.23
O MSE A 109 -2.56 -18.50 11.86
CB MSE A 109 -4.93 -18.56 10.01
CG MSE A 109 -5.27 -20.03 10.14
SE MSE A 109 -5.31 -20.88 8.39
CE MSE A 109 -6.56 -19.69 7.48
N LYS A 110 -4.16 -18.95 13.39
CA LYS A 110 -3.25 -19.66 14.29
C LYS A 110 -2.86 -21.01 13.71
N ASP A 111 -1.57 -21.33 13.79
CA ASP A 111 -1.04 -22.60 13.31
C ASP A 111 -1.43 -22.86 11.86
N ALA A 112 -1.22 -21.86 11.02
CA ALA A 112 -1.50 -22.00 9.59
C ALA A 112 -0.50 -22.97 8.96
N PRO A 113 -1.02 -24.02 8.29
CA PRO A 113 -0.17 -24.99 7.62
C PRO A 113 0.51 -24.38 6.41
N ARG A 114 1.77 -24.73 6.19
CA ARG A 114 2.50 -24.21 5.05
C ARG A 114 2.11 -24.93 3.77
N SER A 115 1.86 -24.16 2.72
CA SER A 115 1.67 -24.72 1.39
C SER A 115 3.04 -25.02 0.80
N THR A 116 3.24 -26.27 0.37
CA THR A 116 4.54 -26.71 -0.14
C THR A 116 4.42 -27.27 -1.56
N ARG A 117 5.55 -27.52 -2.20
CA ARG A 117 5.57 -27.97 -3.59
C ARG A 117 4.82 -29.28 -3.80
N THR A 118 4.95 -30.21 -2.86
CA THR A 118 4.24 -31.48 -2.95
C THR A 118 2.82 -31.41 -2.39
N GLU A 119 2.56 -30.42 -1.54
CA GLU A 119 1.26 -30.30 -0.87
C GLU A 119 0.73 -28.87 -0.95
N ARG A 120 0.29 -28.47 -2.15
CA ARG A 120 -0.18 -27.11 -2.36
C ARG A 120 -1.54 -26.89 -1.72
N ARG A 121 -1.74 -25.70 -1.18
CA ARG A 121 -3.00 -25.34 -0.53
C ARG A 121 -3.60 -24.11 -1.18
N GLY A 122 -4.92 -23.97 -1.06
CA GLY A 122 -5.61 -22.75 -1.47
C GLY A 122 -6.00 -21.99 -0.22
N ILE A 123 -6.66 -20.84 -0.38
CA ILE A 123 -7.00 -20.04 0.79
C ILE A 123 -8.40 -19.44 0.66
N PHE A 124 -9.15 -19.51 1.75
CA PHE A 124 -10.43 -18.82 1.89
C PHE A 124 -10.19 -17.47 2.56
N CYS A 125 -10.93 -16.44 2.13
CA CYS A 125 -10.81 -15.11 2.71
C CYS A 125 -11.22 -15.13 4.18
N ARG A 126 -10.80 -14.10 4.90
CA ARG A 126 -11.01 -14.02 6.34
C ARG A 126 -12.49 -13.98 6.71
N ALA A 127 -13.32 -13.46 5.80
CA ALA A 127 -14.76 -13.39 6.02
C ALA A 127 -15.44 -14.75 5.83
N SER A 128 -14.64 -15.77 5.52
CA SER A 128 -15.17 -17.14 5.43
C SER A 128 -14.41 -18.07 6.38
N TRP A 129 -13.89 -17.52 7.47
CA TRP A 129 -13.25 -18.32 8.51
C TRP A 129 -14.27 -18.64 9.61
N GLY A 130 -14.29 -19.89 10.07
CA GLY A 130 -15.19 -20.26 11.15
C GLY A 130 -16.66 -20.25 10.74
N LYS A 131 -17.55 -20.14 11.72
CA LYS A 131 -18.98 -20.23 11.44
C LYS A 131 -19.49 -19.05 10.64
N ASP A 132 -20.22 -19.36 9.57
CA ASP A 132 -20.90 -18.38 8.71
C ASP A 132 -21.41 -17.16 9.49
N TYR A 133 -20.89 -15.97 9.16
CA TYR A 133 -21.27 -14.74 9.85
C TYR A 133 -22.77 -14.44 9.73
N HIS A 134 -23.42 -14.95 8.67
CA HIS A 134 -24.85 -14.77 8.51
C HIS A 134 -25.59 -15.33 9.73
N ASP A 135 -25.17 -16.51 10.16
CA ASP A 135 -25.78 -17.17 11.30
C ASP A 135 -25.45 -16.48 12.62
N VAL A 136 -24.18 -16.09 12.77
CA VAL A 136 -23.74 -15.50 14.04
C VAL A 136 -24.42 -14.16 14.27
N LEU A 137 -24.40 -13.29 13.26
CA LEU A 137 -24.95 -11.96 13.47
C LEU A 137 -26.47 -11.99 13.54
N ARG A 138 -27.13 -12.92 12.85
CA ARG A 138 -28.58 -13.05 12.98
C ARG A 138 -28.95 -13.52 14.40
N GLU A 139 -28.13 -14.39 14.96
CA GLU A 139 -28.34 -14.87 16.32
C GLU A 139 -28.28 -13.70 17.30
N LYS A 140 -27.40 -12.75 17.05
CA LYS A 140 -27.29 -11.59 17.93
C LYS A 140 -28.46 -10.63 17.73
N LEU A 141 -28.86 -10.41 16.48
CA LEU A 141 -30.02 -9.56 16.20
C LEU A 141 -31.27 -10.13 16.86
N ASP A 142 -31.42 -11.45 16.83
CA ASP A 142 -32.59 -12.09 17.42
C ASP A 142 -32.66 -11.81 18.92
N LEU A 143 -31.50 -11.81 19.57
CA LEU A 143 -31.43 -11.47 20.98
C LEU A 143 -31.82 -10.02 21.22
N LEU A 144 -31.30 -9.11 20.40
CA LEU A 144 -31.60 -7.68 20.56
C LEU A 144 -33.08 -7.40 20.31
N GLU A 145 -33.66 -8.11 19.35
CA GLU A 145 -35.09 -8.02 19.07
C GLU A 145 -35.92 -8.49 20.26
N ASP A 146 -35.54 -9.62 20.84
CA ASP A 146 -36.30 -10.14 21.98
C ASP A 146 -36.14 -9.21 23.18
N PHE A 147 -34.99 -8.59 23.31
CA PHE A 147 -34.78 -7.61 24.38
C PHE A 147 -35.82 -6.49 24.25
N LEU A 148 -35.95 -5.96 23.04
CA LEU A 148 -36.91 -4.89 22.77
C LEU A 148 -38.36 -5.33 22.93
N LYS A 149 -38.71 -6.48 22.38
CA LYS A 149 -40.09 -6.98 22.46
C LYS A 149 -40.49 -7.30 23.89
N SER A 150 -39.51 -7.70 24.70
CA SER A 150 -39.77 -8.09 26.10
C SER A 150 -40.28 -6.91 26.92
N LYS A 151 -40.01 -5.70 26.44
CA LYS A 151 -40.48 -4.50 27.12
C LYS A 151 -42.00 -4.36 26.97
N HIS A 152 -42.57 -5.12 26.03
CA HIS A 152 -44.01 -5.13 25.78
C HIS A 152 -44.54 -3.73 25.52
N GLU A 153 -44.01 -3.09 24.49
CA GLU A 153 -44.36 -1.70 24.19
C GLU A 153 -44.70 -1.49 22.71
N ASP A 154 -45.21 -2.54 22.07
CA ASP A 154 -45.62 -2.49 20.67
C ASP A 154 -44.45 -2.12 19.75
N ILE A 155 -43.25 -2.53 20.14
CA ILE A 155 -42.07 -2.31 19.31
C ILE A 155 -42.08 -3.30 18.15
N ARG A 156 -41.74 -2.81 16.95
CA ARG A 156 -41.64 -3.66 15.77
C ARG A 156 -40.25 -3.54 15.16
N THR A 157 -39.75 -4.64 14.61
CA THR A 157 -38.38 -4.69 14.13
C THR A 157 -38.29 -5.46 12.81
N LYS A 158 -37.23 -5.19 12.06
CA LYS A 158 -36.89 -5.98 10.87
C LYS A 158 -35.38 -6.05 10.75
N SER A 159 -34.84 -7.27 10.82
CA SER A 159 -33.40 -7.45 10.88
C SER A 159 -32.82 -8.04 9.60
N MSE A 160 -31.56 -7.73 9.33
CA MSE A 160 -30.89 -8.31 8.17
C MSE A 160 -29.38 -8.28 8.31
O MSE A 160 -28.81 -7.40 8.96
CB MSE A 160 -31.30 -7.57 6.90
CG MSE A 160 -31.02 -6.09 6.95
SE MSE A 160 -32.10 -5.09 5.65
CE MSE A 160 -33.82 -5.21 6.55
N VAL A 161 -28.73 -9.27 7.70
CA VAL A 161 -27.28 -9.31 7.57
C VAL A 161 -26.97 -9.77 6.15
N ASP A 162 -26.41 -8.86 5.36
CA ASP A 162 -25.90 -9.13 4.01
C ASP A 162 -26.96 -9.47 2.96
N THR A 163 -27.96 -10.28 3.32
CA THR A 163 -28.91 -10.78 2.33
C THR A 163 -30.21 -10.00 2.33
N GLY A 164 -30.24 -8.89 3.06
CA GLY A 164 -31.39 -8.01 3.07
C GLY A 164 -31.28 -6.92 2.03
N GLU A 165 -32.29 -6.06 1.97
CA GLU A 165 -32.38 -5.06 0.92
C GLU A 165 -31.43 -3.88 1.12
N LEU A 166 -31.18 -3.48 2.36
CA LEU A 166 -30.35 -2.31 2.61
C LEU A 166 -28.89 -2.52 2.22
N SER A 167 -28.19 -1.41 2.04
CA SER A 167 -26.74 -1.44 2.00
C SER A 167 -26.23 -1.43 3.44
N ASP A 168 -25.66 -2.55 3.89
CA ASP A 168 -25.17 -2.65 5.27
C ASP A 168 -24.11 -1.58 5.55
N ARG A 169 -23.25 -1.32 4.56
CA ARG A 169 -22.24 -0.29 4.68
C ARG A 169 -22.85 1.11 4.79
N ALA A 170 -23.85 1.41 3.96
CA ALA A 170 -24.51 2.73 4.03
C ALA A 170 -25.11 2.96 5.40
N VAL A 171 -25.74 1.93 5.95
CA VAL A 171 -26.27 2.01 7.31
C VAL A 171 -25.15 2.26 8.33
N ALA A 172 -24.09 1.46 8.24
CA ALA A 172 -22.97 1.54 9.18
C ALA A 172 -22.30 2.92 9.18
N GLU A 173 -22.14 3.48 7.98
CA GLU A 173 -21.57 4.82 7.85
C GLU A 173 -22.44 5.87 8.51
N ARG A 174 -23.75 5.81 8.25
CA ARG A 174 -24.65 6.84 8.77
C ARG A 174 -24.83 6.69 10.28
N ALA A 175 -24.56 5.49 10.79
CA ALA A 175 -24.71 5.19 12.20
C ALA A 175 -23.41 5.38 13.00
N GLY A 176 -22.34 5.78 12.33
CA GLY A 176 -21.07 6.04 13.00
C GLY A 176 -20.28 4.82 13.42
N ILE A 177 -20.53 3.68 12.76
CA ILE A 177 -19.78 2.47 13.02
C ILE A 177 -18.34 2.62 12.54
N GLY A 178 -18.20 3.09 11.30
CA GLY A 178 -16.91 3.31 10.69
C GLY A 178 -17.05 4.29 9.53
N PHE A 179 -15.94 4.61 8.88
CA PHE A 179 -16.00 5.52 7.74
C PHE A 179 -15.83 4.72 6.45
N SER A 180 -16.27 5.29 5.34
CA SER A 180 -16.15 4.65 4.03
C SER A 180 -14.79 4.93 3.43
N ALA A 181 -13.95 3.90 3.36
CA ALA A 181 -12.56 4.09 2.95
C ALA A 181 -12.39 3.91 1.45
N LYS A 182 -11.19 4.19 0.97
CA LYS A 182 -10.92 4.17 -0.47
C LYS A 182 -11.01 2.78 -1.06
N ASN A 183 -10.83 1.75 -0.23
CA ASN A 183 -11.00 0.37 -0.70
C ASN A 183 -12.45 -0.11 -0.62
N CYS A 184 -13.35 0.84 -0.33
CA CYS A 184 -14.80 0.63 -0.19
C CYS A 184 -15.21 0.02 1.14
N MSE A 185 -14.24 -0.31 1.99
CA MSE A 185 -14.55 -0.92 3.28
C MSE A 185 -15.07 0.09 4.29
O MSE A 185 -14.55 1.20 4.37
CB MSE A 185 -13.33 -1.64 3.88
CG MSE A 185 -12.69 -2.69 2.99
SE MSE A 185 -13.87 -4.17 2.59
CE MSE A 185 -14.21 -4.80 4.40
N ILE A 186 -16.07 -0.31 5.07
CA ILE A 186 -16.37 0.40 6.31
C ILE A 186 -15.24 0.07 7.29
N THR A 187 -14.54 1.10 7.74
CA THR A 187 -13.32 0.92 8.52
C THR A 187 -13.47 1.58 9.88
N THR A 188 -13.31 0.79 10.94
CA THR A 188 -13.47 1.26 12.31
C THR A 188 -12.13 1.62 12.94
N PRO A 189 -12.13 2.58 13.88
CA PRO A 189 -10.84 2.93 14.51
C PRO A 189 -10.26 1.81 15.38
N GLU A 190 -11.06 1.05 16.11
CA GLU A 190 -10.47 0.03 16.98
C GLU A 190 -10.19 -1.29 16.26
N TYR A 191 -11.06 -1.67 15.34
CA TYR A 191 -11.00 -3.01 14.74
C TYR A 191 -10.58 -3.00 13.28
N GLY A 192 -10.34 -1.82 12.73
CA GLY A 192 -10.04 -1.72 11.31
C GLY A 192 -11.23 -2.07 10.44
N SER A 193 -10.96 -2.65 9.26
CA SER A 193 -12.03 -3.02 8.35
C SER A 193 -12.49 -4.45 8.57
N TYR A 194 -11.81 -5.16 9.46
CA TYR A 194 -12.09 -6.58 9.69
C TYR A 194 -13.31 -6.75 10.60
N VAL A 195 -14.47 -6.31 10.14
CA VAL A 195 -15.70 -6.44 10.90
C VAL A 195 -16.85 -6.91 10.00
N TYR A 196 -17.72 -7.74 10.55
CA TYR A 196 -18.98 -8.10 9.90
C TYR A 196 -20.03 -7.06 10.28
N LEU A 197 -20.91 -6.71 9.33
CA LEU A 197 -21.95 -5.73 9.61
C LEU A 197 -23.37 -6.32 9.56
N ALA A 198 -24.27 -5.74 10.35
CA ALA A 198 -25.68 -6.10 10.30
C ALA A 198 -26.51 -4.96 10.88
N GLU A 199 -27.82 -5.03 10.69
CA GLU A 199 -28.65 -3.95 11.20
C GLU A 199 -30.09 -4.37 11.43
N MSE A 200 -30.76 -3.59 12.27
CA MSE A 200 -32.12 -3.89 12.69
C MSE A 200 -32.93 -2.61 12.63
O MSE A 200 -32.69 -1.68 13.40
CB MSE A 200 -32.13 -4.48 14.10
CG MSE A 200 -33.52 -4.83 14.63
SE MSE A 200 -33.46 -5.54 16.46
CE MSE A 200 -32.52 -4.07 17.32
N ILE A 201 -33.87 -2.54 11.69
CA ILE A 201 -34.77 -1.41 11.59
C ILE A 201 -35.81 -1.50 12.70
N THR A 202 -36.14 -0.37 13.33
CA THR A 202 -37.16 -0.37 14.38
C THR A 202 -38.10 0.82 14.24
N ASN A 203 -39.20 0.78 15.00
CA ASN A 203 -40.14 1.90 15.08
C ASN A 203 -39.87 2.77 16.30
N ILE A 204 -38.65 2.71 16.82
CA ILE A 204 -38.26 3.50 17.99
C ILE A 204 -37.46 4.72 17.56
N PRO A 205 -37.89 5.92 17.98
CA PRO A 205 -37.20 7.14 17.57
C PRO A 205 -35.91 7.40 18.36
N PHE A 206 -34.98 6.45 18.33
CA PHE A 206 -33.66 6.62 18.94
C PHE A 206 -32.96 7.84 18.35
N GLU A 207 -32.32 8.63 19.22
CA GLU A 207 -31.46 9.70 18.75
C GLU A 207 -30.31 9.12 17.92
N PRO A 208 -30.10 9.65 16.71
CA PRO A 208 -29.06 9.07 15.85
C PRO A 208 -27.66 9.49 16.28
N ASP A 209 -26.66 8.73 15.85
CA ASP A 209 -25.26 9.04 16.14
C ASP A 209 -24.67 9.88 15.02
N VAL A 210 -23.40 10.25 15.17
CA VAL A 210 -22.73 11.11 14.20
C VAL A 210 -21.71 10.30 13.39
N PRO A 211 -21.69 10.50 12.05
CA PRO A 211 -20.68 9.81 11.23
C PRO A 211 -19.26 10.18 11.66
N ILE A 212 -18.30 9.28 11.49
CA ILE A 212 -16.95 9.57 11.96
C ILE A 212 -16.02 9.99 10.81
N GLU A 213 -14.83 10.45 11.17
CA GLU A 213 -13.90 11.09 10.25
C GLU A 213 -13.21 10.12 9.30
N ASP A 214 -13.09 10.51 8.04
CA ASP A 214 -12.32 9.75 7.06
C ASP A 214 -10.83 9.80 7.44
N MSE A 215 -10.18 8.64 7.46
CA MSE A 215 -8.80 8.56 7.93
C MSE A 215 -7.81 8.20 6.84
O MSE A 215 -6.62 8.01 7.11
CB MSE A 215 -8.70 7.54 9.07
CG MSE A 215 -9.60 7.85 10.26
SE MSE A 215 -9.23 9.62 11.01
CE MSE A 215 -7.41 9.33 11.63
N CYS A 216 -8.28 8.11 5.60
CA CYS A 216 -7.42 7.64 4.51
C CYS A 216 -6.37 8.67 4.06
N GLY A 217 -6.71 9.95 4.16
CA GLY A 217 -5.80 10.99 3.70
C GLY A 217 -5.41 10.80 2.25
N SER A 218 -4.12 10.94 1.96
CA SER A 218 -3.61 10.86 0.59
C SER A 218 -3.10 9.45 0.24
N CYS A 219 -3.38 8.49 1.09
CA CYS A 219 -2.95 7.12 0.87
C CYS A 219 -3.65 6.50 -0.35
N THR A 220 -2.95 5.67 -1.11
CA THR A 220 -3.55 4.96 -2.25
C THR A 220 -3.11 3.50 -2.31
N LYS A 221 -2.66 2.97 -1.17
CA LYS A 221 -2.05 1.65 -1.13
C LYS A 221 -2.96 0.53 -1.63
N CYS A 222 -4.23 0.57 -1.24
CA CYS A 222 -5.21 -0.43 -1.67
C CYS A 222 -5.43 -0.38 -3.18
N LEU A 223 -5.57 0.82 -3.73
CA LEU A 223 -5.81 0.98 -5.16
C LEU A 223 -4.61 0.49 -5.95
N ASP A 224 -3.42 0.74 -5.42
CA ASP A 224 -2.19 0.35 -6.10
C ASP A 224 -1.97 -1.17 -6.03
N ALA A 225 -2.44 -1.79 -4.96
CA ALA A 225 -2.17 -3.21 -4.73
C ALA A 225 -3.20 -4.14 -5.36
N CYS A 226 -4.39 -3.63 -5.68
CA CYS A 226 -5.43 -4.48 -6.26
C CYS A 226 -4.93 -5.17 -7.53
N PRO A 227 -5.00 -6.51 -7.55
CA PRO A 227 -4.35 -7.26 -8.64
C PRO A 227 -5.00 -7.04 -10.00
N THR A 228 -6.26 -6.58 -10.03
CA THR A 228 -6.99 -6.44 -11.28
C THR A 228 -7.33 -4.99 -11.60
N GLY A 229 -7.03 -4.09 -10.67
CA GLY A 229 -7.41 -2.69 -10.82
C GLY A 229 -8.91 -2.48 -10.69
N ALA A 230 -9.57 -3.37 -9.96
CA ALA A 230 -11.02 -3.30 -9.78
C ALA A 230 -11.44 -2.06 -8.99
N LEU A 231 -10.53 -1.56 -8.16
CA LEU A 231 -10.77 -0.28 -7.50
C LEU A 231 -10.42 0.81 -8.50
N VAL A 232 -11.40 1.21 -9.29
CA VAL A 232 -11.17 2.09 -10.44
C VAL A 232 -10.98 3.55 -10.03
N ASN A 233 -11.61 3.93 -8.92
CA ASN A 233 -11.43 5.22 -8.29
C ASN A 233 -11.54 5.04 -6.78
N PRO A 234 -11.09 6.03 -5.99
CA PRO A 234 -11.28 5.91 -4.54
C PRO A 234 -12.74 5.62 -4.16
N GLY A 235 -12.95 4.51 -3.44
CA GLY A 235 -14.30 4.12 -3.04
C GLY A 235 -15.22 3.70 -4.17
N GLN A 236 -14.64 3.30 -5.32
CA GLN A 236 -15.46 2.87 -6.44
C GLN A 236 -14.98 1.53 -6.98
N LEU A 237 -15.80 0.50 -6.84
CA LEU A 237 -15.43 -0.83 -7.29
C LEU A 237 -16.11 -1.17 -8.60
N ASN A 238 -15.33 -1.65 -9.56
CA ASN A 238 -15.89 -2.38 -10.68
C ASN A 238 -15.95 -3.84 -10.26
N ALA A 239 -17.10 -4.24 -9.73
CA ALA A 239 -17.25 -5.56 -9.12
C ALA A 239 -16.96 -6.67 -10.14
N GLN A 240 -17.25 -6.43 -11.41
CA GLN A 240 -17.03 -7.44 -12.43
C GLN A 240 -15.55 -7.80 -12.59
N ARG A 241 -14.65 -6.95 -12.10
CA ARG A 241 -13.22 -7.22 -12.19
C ARG A 241 -12.61 -7.60 -10.84
N CYS A 242 -13.43 -7.60 -9.79
CA CYS A 242 -12.96 -7.89 -8.44
C CYS A 242 -12.80 -9.39 -8.22
N ILE A 243 -11.61 -9.81 -7.78
CA ILE A 243 -11.35 -11.23 -7.54
C ILE A 243 -12.36 -11.84 -6.59
N SER A 244 -12.81 -11.07 -5.59
CA SER A 244 -13.78 -11.60 -4.64
C SER A 244 -15.05 -12.05 -5.37
N PHE A 245 -15.57 -11.18 -6.22
CA PHE A 245 -16.71 -11.54 -7.06
C PHE A 245 -16.39 -12.73 -7.97
N LEU A 246 -15.25 -12.63 -8.67
CA LEU A 246 -14.89 -13.64 -9.66
C LEU A 246 -14.76 -15.06 -9.06
N THR A 247 -14.27 -15.17 -7.83
CA THR A 247 -14.15 -16.49 -7.19
C THR A 247 -15.51 -17.15 -7.00
N GLN A 248 -16.58 -16.34 -6.99
CA GLN A 248 -17.91 -16.85 -6.69
C GLN A 248 -18.78 -17.11 -7.92
N THR A 249 -18.25 -16.89 -9.11
CA THR A 249 -19.04 -17.12 -10.31
C THR A 249 -19.11 -18.61 -10.65
N LYS A 250 -20.21 -19.02 -11.27
CA LYS A 250 -20.46 -20.44 -11.53
C LYS A 250 -20.06 -20.90 -12.93
N GLY A 251 -19.77 -19.96 -13.83
CA GLY A 251 -19.38 -20.31 -15.18
C GLY A 251 -17.87 -20.40 -15.35
N PHE A 252 -17.39 -20.29 -16.59
CA PHE A 252 -15.95 -20.26 -16.85
C PHE A 252 -15.39 -18.90 -16.42
N LEU A 253 -14.20 -18.91 -15.82
CA LEU A 253 -13.54 -17.66 -15.48
C LEU A 253 -12.86 -17.09 -16.71
N PRO A 254 -13.12 -15.80 -17.01
CA PRO A 254 -12.45 -15.18 -18.16
C PRO A 254 -10.92 -15.35 -18.07
N ASP A 255 -10.29 -15.65 -19.20
CA ASP A 255 -8.86 -15.97 -19.21
C ASP A 255 -7.98 -14.93 -18.52
N GLU A 256 -8.30 -13.66 -18.70
CA GLU A 256 -7.47 -12.59 -18.13
C GLU A 256 -7.33 -12.66 -16.61
N PHE A 257 -8.28 -13.32 -15.94
CA PHE A 257 -8.22 -13.42 -14.49
C PHE A 257 -7.64 -14.74 -13.98
N ARG A 258 -7.40 -15.67 -14.91
CA ARG A 258 -6.92 -16.99 -14.52
C ARG A 258 -5.50 -16.96 -13.96
N THR A 259 -4.73 -15.94 -14.34
CA THR A 259 -3.38 -15.78 -13.84
C THR A 259 -3.29 -14.73 -12.72
N LYS A 260 -4.45 -14.24 -12.28
CA LYS A 260 -4.47 -13.23 -11.22
C LYS A 260 -5.12 -13.75 -9.95
N ILE A 261 -5.84 -14.85 -10.05
CA ILE A 261 -6.57 -15.42 -8.91
C ILE A 261 -5.59 -16.03 -7.89
N GLY A 262 -4.42 -16.45 -8.35
CA GLY A 262 -3.42 -17.05 -7.48
C GLY A 262 -3.93 -18.33 -6.87
N ASN A 263 -3.84 -18.48 -5.56
CA ASN A 263 -4.38 -19.68 -4.93
C ASN A 263 -5.63 -19.39 -4.11
N ARG A 264 -6.32 -18.31 -4.47
CA ARG A 264 -7.57 -17.95 -3.81
C ARG A 264 -8.72 -18.88 -4.21
N LEU A 265 -9.39 -19.44 -3.21
CA LEU A 265 -10.50 -20.34 -3.48
C LEU A 265 -11.85 -19.63 -3.30
N TYR A 266 -11.85 -18.60 -2.48
CA TYR A 266 -13.06 -17.85 -2.19
C TYR A 266 -12.68 -16.52 -1.59
N GLY A 267 -13.18 -15.44 -2.18
CA GLY A 267 -12.89 -14.10 -1.71
C GLY A 267 -11.47 -13.63 -1.95
N CYS A 268 -11.22 -12.38 -1.56
CA CYS A 268 -9.91 -11.75 -1.72
C CYS A 268 -9.75 -10.70 -0.61
N ASP A 269 -8.59 -10.70 0.07
CA ASP A 269 -8.36 -9.81 1.22
C ASP A 269 -7.28 -8.77 0.95
N THR A 270 -6.77 -8.69 -0.28
CA THR A 270 -5.58 -7.89 -0.53
C THR A 270 -5.74 -6.40 -0.23
N CYS A 271 -6.88 -5.80 -0.58
CA CYS A 271 -7.06 -4.37 -0.33
C CYS A 271 -7.27 -4.06 1.16
N GLN A 272 -7.45 -5.11 1.97
CA GLN A 272 -7.49 -4.94 3.41
C GLN A 272 -6.14 -5.21 4.08
N THR A 273 -5.44 -6.24 3.63
CA THR A 273 -4.18 -6.59 4.29
C THR A 273 -3.08 -5.56 4.01
N VAL A 274 -3.17 -4.83 2.90
CA VAL A 274 -2.17 -3.80 2.64
C VAL A 274 -2.49 -2.49 3.36
N CYS A 275 -3.66 -2.41 3.99
CA CYS A 275 -4.14 -1.16 4.59
C CYS A 275 -3.46 -0.85 5.92
N PRO A 276 -2.86 0.34 6.05
CA PRO A 276 -2.21 0.74 7.31
C PRO A 276 -3.18 0.77 8.49
N LEU A 277 -4.45 1.04 8.21
CA LEU A 277 -5.46 1.15 9.26
C LEU A 277 -5.83 -0.22 9.84
N ASN A 278 -5.32 -1.28 9.21
CA ASN A 278 -5.54 -2.64 9.69
C ASN A 278 -4.30 -3.23 10.36
N LYS A 279 -3.23 -2.45 10.42
CA LYS A 279 -1.99 -2.89 11.03
C LYS A 279 -2.22 -3.21 12.50
N GLY A 280 -1.88 -4.43 12.90
CA GLY A 280 -2.00 -4.85 14.29
C GLY A 280 -3.44 -5.09 14.72
N LYS A 281 -4.35 -5.12 13.76
CA LYS A 281 -5.75 -5.43 14.04
C LYS A 281 -6.01 -6.90 13.80
N ASP A 282 -5.93 -7.69 14.88
CA ASP A 282 -6.20 -9.12 14.81
C ASP A 282 -6.97 -9.53 16.05
N PHE A 283 -8.30 -9.50 15.94
CA PHE A 283 -9.17 -9.71 17.11
C PHE A 283 -9.77 -11.10 17.13
N HIS A 284 -9.63 -11.75 18.28
CA HIS A 284 -10.16 -13.09 18.48
C HIS A 284 -11.14 -13.06 19.65
N LEU A 285 -12.31 -12.48 19.42
CA LEU A 285 -13.27 -12.24 20.49
C LEU A 285 -14.49 -13.17 20.42
N HIS A 286 -14.57 -13.96 19.35
CA HIS A 286 -15.71 -14.84 19.15
C HIS A 286 -15.22 -16.22 18.73
N PRO A 287 -15.18 -17.17 19.70
CA PRO A 287 -14.61 -18.50 19.47
C PRO A 287 -15.08 -19.21 18.19
N GLU A 288 -16.35 -19.06 17.83
CA GLU A 288 -16.87 -19.80 16.67
C GLU A 288 -16.33 -19.24 15.35
N MSE A 289 -15.70 -18.07 15.39
CA MSE A 289 -15.13 -17.48 14.18
C MSE A 289 -13.71 -17.96 13.88
O MSE A 289 -13.18 -17.66 12.80
CB MSE A 289 -15.11 -15.97 14.28
CG MSE A 289 -16.48 -15.35 14.20
SE MSE A 289 -16.38 -13.41 14.34
CE MSE A 289 -18.27 -13.10 14.48
N GLU A 290 -13.09 -18.65 14.82
CA GLU A 290 -11.73 -19.15 14.61
C GLU A 290 -11.69 -20.05 13.38
N PRO A 291 -10.72 -19.80 12.49
CA PRO A 291 -10.62 -20.67 11.30
C PRO A 291 -10.14 -22.07 11.67
N ASP A 292 -10.67 -23.07 10.96
CA ASP A 292 -10.14 -24.41 11.01
C ASP A 292 -9.20 -24.50 9.81
N PRO A 293 -7.88 -24.53 10.08
CA PRO A 293 -6.91 -24.43 8.98
C PRO A 293 -7.09 -25.48 7.88
N GLU A 294 -7.61 -26.66 8.23
CA GLU A 294 -7.72 -27.71 7.22
C GLU A 294 -8.83 -27.44 6.20
N ILE A 295 -9.76 -26.54 6.51
CA ILE A 295 -10.73 -26.13 5.49
C ILE A 295 -10.53 -24.68 5.09
N ALA A 296 -9.91 -23.88 5.93
CA ALA A 296 -9.70 -22.46 5.62
C ALA A 296 -8.52 -22.31 4.67
N LYS A 297 -7.54 -23.20 4.82
CA LYS A 297 -6.39 -23.22 3.93
C LYS A 297 -6.18 -24.64 3.41
N PRO A 298 -7.17 -25.16 2.66
CA PRO A 298 -7.22 -26.60 2.36
C PRO A 298 -6.26 -27.06 1.28
N LEU A 299 -5.82 -28.31 1.40
CA LEU A 299 -5.08 -28.97 0.33
C LEU A 299 -5.91 -28.97 -0.96
N LEU A 300 -5.28 -28.60 -2.07
CA LEU A 300 -5.98 -28.46 -3.34
C LEU A 300 -6.40 -29.79 -3.98
N LYS A 301 -5.49 -30.77 -3.99
CA LYS A 301 -5.78 -32.01 -4.72
C LYS A 301 -6.98 -32.79 -4.15
N PRO A 302 -7.13 -32.88 -2.81
CA PRO A 302 -8.34 -33.55 -2.35
C PRO A 302 -9.64 -32.83 -2.71
N LEU A 303 -9.57 -31.53 -2.97
CA LEU A 303 -10.77 -30.79 -3.39
C LEU A 303 -11.24 -31.20 -4.78
N LEU A 304 -10.32 -31.72 -5.59
CA LEU A 304 -10.65 -32.11 -6.96
C LEU A 304 -11.60 -33.31 -7.00
N ALA A 305 -11.61 -34.08 -5.92
CA ALA A 305 -12.36 -35.33 -5.88
C ALA A 305 -13.29 -35.42 -4.68
N ILE A 306 -13.74 -34.27 -4.19
CA ILE A 306 -14.56 -34.28 -2.97
C ILE A 306 -16.03 -34.55 -3.30
N SER A 307 -16.64 -35.46 -2.55
CA SER A 307 -18.03 -35.80 -2.74
C SER A 307 -18.94 -34.70 -2.20
N ASN A 308 -20.18 -34.68 -2.67
CA ASN A 308 -21.16 -33.73 -2.17
C ASN A 308 -21.37 -33.89 -0.67
N ARG A 309 -21.39 -35.13 -0.20
CA ARG A 309 -21.58 -35.39 1.23
C ARG A 309 -20.43 -34.83 2.05
N GLU A 310 -19.21 -35.09 1.59
CA GLU A 310 -18.01 -34.65 2.29
C GLU A 310 -17.89 -33.14 2.26
N PHE A 311 -18.29 -32.51 1.16
CA PHE A 311 -18.23 -31.06 1.07
C PHE A 311 -19.18 -30.43 2.07
N LYS A 312 -20.39 -30.96 2.12
CA LYS A 312 -21.39 -30.45 3.05
C LYS A 312 -20.95 -30.62 4.49
N GLU A 313 -20.35 -31.76 4.79
CA GLU A 313 -19.88 -32.05 6.15
C GLU A 313 -18.71 -31.15 6.57
N LYS A 314 -17.75 -30.94 5.66
CA LYS A 314 -16.55 -30.19 5.99
C LYS A 314 -16.71 -28.68 5.85
N PHE A 315 -17.37 -28.25 4.78
CA PHE A 315 -17.43 -26.84 4.40
C PHE A 315 -18.79 -26.18 4.61
N GLY A 316 -19.79 -27.00 4.90
CA GLY A 316 -21.18 -26.56 4.91
C GLY A 316 -21.53 -25.44 5.87
N HIS A 317 -20.69 -25.20 6.87
CA HIS A 317 -21.01 -24.17 7.86
C HIS A 317 -20.19 -22.89 7.71
N VAL A 318 -19.37 -22.79 6.66
CA VAL A 318 -18.66 -21.53 6.42
C VAL A 318 -19.37 -20.72 5.34
N SER A 319 -19.15 -19.41 5.35
CA SER A 319 -19.87 -18.52 4.44
C SER A 319 -19.50 -18.82 2.98
N GLY A 320 -18.27 -19.28 2.78
CA GLY A 320 -17.74 -19.52 1.44
C GLY A 320 -18.33 -20.73 0.76
N SER A 321 -19.24 -21.44 1.42
CA SER A 321 -19.89 -22.60 0.81
C SER A 321 -21.23 -22.27 0.18
N TRP A 322 -21.62 -20.99 0.17
CA TRP A 322 -23.01 -20.64 -0.15
C TRP A 322 -23.36 -20.83 -1.63
N ARG A 323 -22.36 -20.99 -2.48
CA ARG A 323 -22.61 -21.23 -3.90
C ARG A 323 -22.35 -22.68 -4.28
N GLY A 324 -22.15 -23.52 -3.26
CA GLY A 324 -21.86 -24.92 -3.48
C GLY A 324 -20.39 -25.14 -3.83
N LYS A 325 -20.05 -26.37 -4.21
CA LYS A 325 -18.65 -26.74 -4.35
C LYS A 325 -18.06 -26.38 -5.72
N LYS A 326 -18.90 -26.17 -6.73
CA LYS A 326 -18.36 -26.05 -8.08
C LYS A 326 -17.36 -24.89 -8.25
N PRO A 327 -17.72 -23.67 -7.81
CA PRO A 327 -16.72 -22.61 -7.99
C PRO A 327 -15.44 -22.85 -7.21
N ILE A 328 -15.55 -23.46 -6.04
CA ILE A 328 -14.37 -23.77 -5.23
C ILE A 328 -13.48 -24.80 -5.97
N GLN A 329 -14.10 -25.80 -6.60
CA GLN A 329 -13.32 -26.79 -7.34
C GLN A 329 -12.70 -26.20 -8.61
N ARG A 330 -13.45 -25.34 -9.30
CA ARG A 330 -12.90 -24.63 -10.45
C ARG A 330 -11.68 -23.81 -10.03
N ASN A 331 -11.80 -23.11 -8.90
CA ASN A 331 -10.70 -22.30 -8.42
C ASN A 331 -9.52 -23.16 -7.99
N ALA A 332 -9.81 -24.33 -7.42
CA ALA A 332 -8.76 -25.25 -7.00
C ALA A 332 -7.94 -25.69 -8.22
N ILE A 333 -8.65 -25.94 -9.32
CA ILE A 333 -7.98 -26.30 -10.58
C ILE A 333 -7.07 -25.16 -11.04
N LEU A 334 -7.59 -23.95 -11.04
CA LEU A 334 -6.81 -22.79 -11.48
C LEU A 334 -5.59 -22.56 -10.58
N ALA A 335 -5.74 -22.83 -9.28
CA ALA A 335 -4.63 -22.70 -8.34
C ALA A 335 -3.52 -23.71 -8.64
N LEU A 336 -3.91 -24.94 -8.95
CA LEU A 336 -2.92 -25.96 -9.31
C LEU A 336 -2.19 -25.56 -10.59
N ALA A 337 -2.90 -24.96 -11.53
CA ALA A 337 -2.28 -24.47 -12.76
C ALA A 337 -1.30 -23.34 -12.43
N HIS A 338 -1.72 -22.47 -11.52
CA HIS A 338 -0.89 -21.39 -11.03
C HIS A 338 0.43 -21.92 -10.45
N PHE A 339 0.35 -23.01 -9.69
CA PHE A 339 1.54 -23.59 -9.08
C PHE A 339 2.29 -24.51 -10.06
N LYS A 340 1.71 -24.68 -11.24
CA LYS A 340 2.24 -25.63 -12.23
C LYS A 340 2.53 -26.99 -11.59
N ASP A 341 1.55 -27.50 -10.85
CA ASP A 341 1.70 -28.75 -10.11
C ASP A 341 1.54 -29.98 -11.00
N ALA A 342 2.65 -30.48 -11.53
CA ALA A 342 2.64 -31.62 -12.43
C ALA A 342 2.04 -32.89 -11.79
N SER A 343 2.10 -33.01 -10.47
CA SER A 343 1.58 -34.20 -9.81
C SER A 343 0.05 -34.26 -9.85
N ALA A 344 -0.59 -33.13 -10.16
CA ALA A 344 -2.05 -33.10 -10.32
C ALA A 344 -2.50 -33.49 -11.72
N LEU A 345 -1.57 -33.66 -12.66
CA LEU A 345 -1.95 -33.89 -14.05
C LEU A 345 -2.82 -35.15 -14.27
N PRO A 346 -2.48 -36.29 -13.63
CA PRO A 346 -3.40 -37.42 -13.80
C PRO A 346 -4.83 -37.15 -13.31
N GLU A 347 -4.99 -36.54 -12.15
CA GLU A 347 -6.34 -36.26 -11.67
C GLU A 347 -7.07 -35.25 -12.55
N LEU A 348 -6.35 -34.23 -13.03
CA LEU A 348 -6.98 -33.26 -13.94
C LEU A 348 -7.43 -33.95 -15.22
N THR A 349 -6.64 -34.93 -15.66
CA THR A 349 -6.96 -35.66 -16.89
C THR A 349 -8.23 -36.48 -16.69
N GLU A 350 -8.34 -37.11 -15.52
CA GLU A 350 -9.55 -37.85 -15.17
C GLU A 350 -10.76 -36.92 -15.14
N LEU A 351 -10.59 -35.76 -14.49
CA LEU A 351 -11.66 -34.77 -14.43
C LEU A 351 -12.09 -34.32 -15.81
N MSE A 352 -11.11 -34.01 -16.65
CA MSE A 352 -11.38 -33.58 -18.03
C MSE A 352 -12.32 -34.55 -18.76
O MSE A 352 -13.19 -34.13 -19.53
CB MSE A 352 -10.07 -33.44 -18.81
CG MSE A 352 -10.29 -33.12 -20.28
SE MSE A 352 -8.62 -32.80 -21.23
CE MSE A 352 -7.74 -34.50 -20.89
N HIS A 353 -12.15 -35.84 -18.50
CA HIS A 353 -12.94 -36.88 -19.16
C HIS A 353 -14.25 -37.23 -18.45
N LYS A 354 -14.23 -37.20 -17.12
CA LYS A 354 -15.26 -37.85 -16.32
C LYS A 354 -16.23 -36.91 -15.59
N ASP A 355 -15.83 -35.68 -15.32
CA ASP A 355 -16.71 -34.82 -14.52
C ASP A 355 -17.96 -34.45 -15.33
N PRO A 356 -19.13 -34.52 -14.68
CA PRO A 356 -20.36 -34.23 -15.43
C PRO A 356 -20.55 -32.74 -15.75
N ARG A 357 -19.74 -31.88 -15.15
CA ARG A 357 -19.88 -30.43 -15.31
C ARG A 357 -18.89 -29.85 -16.32
N PRO A 358 -19.41 -29.29 -17.44
CA PRO A 358 -18.54 -28.71 -18.48
C PRO A 358 -17.53 -27.69 -17.94
N VAL A 359 -17.91 -26.88 -16.96
CA VAL A 359 -16.97 -25.90 -16.41
C VAL A 359 -15.76 -26.60 -15.79
N ILE A 360 -15.99 -27.73 -15.14
CA ILE A 360 -14.89 -28.49 -14.53
C ILE A 360 -14.06 -29.22 -15.59
N ARG A 361 -14.72 -29.87 -16.53
CA ARG A 361 -13.97 -30.57 -17.59
C ARG A 361 -13.09 -29.60 -18.36
N GLY A 362 -13.66 -28.45 -18.71
CA GLY A 362 -12.97 -27.47 -19.53
C GLY A 362 -11.84 -26.78 -18.78
N THR A 363 -12.09 -26.40 -17.54
CA THR A 363 -11.06 -25.73 -16.76
C THR A 363 -9.90 -26.67 -16.47
N ALA A 364 -10.22 -27.95 -16.26
CA ALA A 364 -9.18 -28.98 -16.08
C ALA A 364 -8.32 -29.11 -17.34
N ALA A 365 -8.96 -29.09 -18.51
CA ALA A 365 -8.22 -29.16 -19.77
C ALA A 365 -7.28 -27.99 -19.94
N TRP A 366 -7.78 -26.79 -19.65
CA TRP A 366 -6.98 -25.58 -19.73
C TRP A 366 -5.80 -25.68 -18.78
N ALA A 367 -6.05 -26.11 -17.54
CA ALA A 367 -4.98 -26.26 -16.55
C ALA A 367 -3.91 -27.26 -17.00
N ILE A 368 -4.31 -28.35 -17.63
CA ILE A 368 -3.34 -29.31 -18.16
C ILE A 368 -2.40 -28.59 -19.13
N GLY A 369 -2.96 -27.76 -20.01
CA GLY A 369 -2.17 -26.99 -20.94
C GLY A 369 -1.26 -25.99 -20.25
N LYS A 370 -1.81 -25.27 -19.28
CA LYS A 370 -1.08 -24.22 -18.56
C LYS A 370 0.10 -24.77 -17.74
N ILE A 371 -0.07 -25.97 -17.19
CA ILE A 371 0.97 -26.59 -16.36
C ILE A 371 2.21 -26.91 -17.21
N GLY A 372 1.99 -27.19 -18.49
CA GLY A 372 3.08 -27.19 -19.45
C GLY A 372 3.90 -28.45 -19.67
N ASP A 373 3.37 -29.60 -19.27
CA ASP A 373 4.03 -30.88 -19.54
C ASP A 373 3.60 -31.41 -20.90
N PRO A 374 4.52 -31.47 -21.86
CA PRO A 374 4.15 -31.88 -23.22
C PRO A 374 3.68 -33.34 -23.32
N ALA A 375 3.91 -34.13 -22.27
CA ALA A 375 3.51 -35.53 -22.29
C ALA A 375 1.99 -35.69 -22.31
N TYR A 376 1.28 -34.59 -22.04
CA TYR A 376 -0.18 -34.62 -22.00
C TYR A 376 -0.82 -33.98 -23.21
N ALA A 377 -0.01 -33.52 -24.16
CA ALA A 377 -0.55 -32.87 -25.36
C ALA A 377 -1.41 -33.81 -26.18
N GLU A 378 -0.95 -35.05 -26.34
CA GLU A 378 -1.69 -36.02 -27.15
C GLU A 378 -3.04 -36.35 -26.54
N GLU A 379 -3.09 -36.48 -25.21
CA GLU A 379 -4.37 -36.79 -24.58
C GLU A 379 -5.34 -35.62 -24.68
N LEU A 380 -4.83 -34.39 -24.73
CA LEU A 380 -5.69 -33.24 -24.98
C LEU A 380 -6.29 -33.33 -26.39
N GLU A 381 -5.44 -33.69 -27.36
N GLU A 381 -5.45 -33.71 -27.35
CA GLU A 381 -5.89 -33.84 -28.74
CA GLU A 381 -5.90 -33.82 -28.73
C GLU A 381 -6.98 -34.90 -28.82
C GLU A 381 -6.93 -34.95 -28.89
N LYS A 382 -6.80 -35.99 -28.08
CA LYS A 382 -7.75 -37.09 -28.10
C LYS A 382 -9.06 -36.69 -27.42
N ALA A 383 -8.95 -35.98 -26.31
CA ALA A 383 -10.13 -35.51 -25.58
C ALA A 383 -10.96 -34.56 -26.44
N LEU A 384 -10.27 -33.77 -27.26
CA LEU A 384 -10.95 -32.80 -28.12
C LEU A 384 -11.96 -33.47 -29.02
N GLU A 385 -11.63 -34.65 -29.52
CA GLU A 385 -12.49 -35.35 -30.47
C GLU A 385 -13.64 -36.12 -29.83
N LYS A 386 -13.64 -36.21 -28.50
CA LYS A 386 -14.68 -36.94 -27.78
C LYS A 386 -15.65 -36.02 -27.04
N GLU A 387 -15.18 -34.81 -26.71
CA GLU A 387 -15.98 -33.85 -25.95
C GLU A 387 -17.10 -33.28 -26.82
N LYS A 388 -18.32 -33.28 -26.29
CA LYS A 388 -19.48 -32.83 -27.08
C LYS A 388 -19.99 -31.44 -26.68
N ASP A 389 -19.57 -30.95 -25.51
CA ASP A 389 -19.95 -29.60 -25.06
C ASP A 389 -19.05 -28.55 -25.73
N GLU A 390 -19.65 -27.60 -26.43
CA GLU A 390 -18.87 -26.67 -27.25
C GLU A 390 -17.95 -25.78 -26.42
N GLU A 391 -18.38 -25.37 -25.23
CA GLU A 391 -17.53 -24.55 -24.37
C GLU A 391 -16.36 -25.34 -23.79
N ALA A 392 -16.62 -26.59 -23.40
CA ALA A 392 -15.55 -27.45 -22.90
C ALA A 392 -14.57 -27.74 -24.04
N LYS A 393 -15.11 -27.92 -25.25
CA LYS A 393 -14.28 -28.15 -26.42
CA LYS A 393 -14.28 -28.15 -26.41
C LYS A 393 -13.32 -26.98 -26.62
N LEU A 394 -13.85 -25.78 -26.49
CA LEU A 394 -13.06 -24.56 -26.60
CA LEU A 394 -13.07 -24.57 -26.61
C LEU A 394 -11.92 -24.53 -25.59
N GLU A 395 -12.21 -24.91 -24.36
CA GLU A 395 -11.18 -24.94 -23.33
C GLU A 395 -10.08 -25.97 -23.64
N ILE A 396 -10.44 -27.10 -24.23
CA ILE A 396 -9.42 -28.07 -24.63
C ILE A 396 -8.53 -27.46 -25.73
N GLU A 397 -9.16 -26.75 -26.66
CA GLU A 397 -8.40 -26.09 -27.70
CA GLU A 397 -8.42 -26.04 -27.72
C GLU A 397 -7.45 -25.04 -27.11
N LYS A 398 -7.91 -24.31 -26.10
CA LYS A 398 -7.05 -23.36 -25.42
C LYS A 398 -5.87 -24.04 -24.75
N GLY A 399 -6.12 -25.17 -24.12
CA GLY A 399 -5.06 -25.91 -23.45
C GLY A 399 -4.04 -26.43 -24.44
N ILE A 400 -4.51 -26.95 -25.57
CA ILE A 400 -3.60 -27.39 -26.62
C ILE A 400 -2.72 -26.24 -27.11
N GLU A 401 -3.33 -25.06 -27.26
CA GLU A 401 -2.61 -23.86 -27.71
C GLU A 401 -1.56 -23.42 -26.69
N LEU A 402 -1.89 -23.51 -25.40
CA LEU A 402 -0.92 -23.16 -24.37
C LEU A 402 0.32 -24.05 -24.45
N LEU A 403 0.10 -25.36 -24.65
CA LEU A 403 1.22 -26.29 -24.75
C LEU A 403 2.06 -26.05 -26.01
N LYS A 404 1.39 -25.74 -27.11
CA LYS A 404 2.07 -25.41 -28.35
C LYS A 404 2.94 -24.17 -28.17
N ALA A 405 2.38 -23.16 -27.53
CA ALA A 405 3.08 -21.89 -27.33
C ALA A 405 4.31 -22.08 -26.43
N SER A 406 4.15 -22.82 -25.33
CA SER A 406 5.27 -23.02 -24.42
C SER A 406 6.33 -23.93 -25.06
N GLY A 407 5.89 -24.89 -25.86
CA GLY A 407 6.79 -25.73 -26.62
C GLY A 407 7.64 -24.92 -27.57
N MSE A 408 7.02 -23.97 -28.26
CA MSE A 408 7.74 -23.11 -29.19
C MSE A 408 8.71 -22.19 -28.46
O MSE A 408 9.84 -21.98 -28.91
CB MSE A 408 6.76 -22.28 -30.02
CG MSE A 408 5.96 -23.09 -31.00
SE MSE A 408 4.62 -22.03 -31.93
CE MSE A 408 4.01 -23.37 -33.22
N THR A 409 8.28 -21.67 -27.31
CA THR A 409 9.14 -20.79 -26.53
C THR A 409 10.40 -21.50 -26.07
N LYS A 410 10.25 -22.74 -25.62
CA LYS A 410 11.40 -23.54 -25.20
C LYS A 410 12.38 -23.76 -26.35
N GLN A 411 11.87 -23.79 -27.58
CA GLN A 411 12.72 -24.01 -28.74
C GLN A 411 13.16 -22.73 -29.43
N GLY A 412 12.80 -21.58 -28.84
CA GLY A 412 13.18 -20.29 -29.37
C GLY A 412 12.53 -19.99 -30.72
N LEU A 413 11.34 -20.52 -30.93
CA LEU A 413 10.65 -20.37 -32.22
C LEU A 413 9.69 -19.18 -32.21
N ASN B 30 -2.63 32.94 29.06
CA ASN B 30 -3.58 31.97 28.53
C ASN B 30 -3.02 31.30 27.28
N VAL B 31 -3.10 31.99 26.14
CA VAL B 31 -2.44 31.52 24.94
C VAL B 31 -0.93 31.59 25.15
N TYR B 32 -0.47 32.61 25.86
CA TYR B 32 0.95 32.71 26.13
C TYR B 32 1.38 31.61 27.12
N GLN B 33 0.54 31.37 28.12
CA GLN B 33 0.76 30.28 29.07
C GLN B 33 0.83 28.94 28.33
N LEU B 34 -0.12 28.74 27.42
CA LEU B 34 -0.15 27.51 26.62
C LEU B 34 1.10 27.36 25.76
N LYS B 35 1.58 28.47 25.20
CA LYS B 35 2.77 28.45 24.36
C LYS B 35 4.00 27.99 25.17
N GLU B 36 4.15 28.55 26.37
CA GLU B 36 5.28 28.19 27.22
C GLU B 36 5.20 26.72 27.66
N GLU B 37 4.00 26.24 27.97
CA GLU B 37 3.84 24.85 28.35
C GLU B 37 4.16 23.92 27.18
N LEU B 38 3.72 24.30 25.98
CA LEU B 38 3.97 23.49 24.78
C LEU B 38 5.47 23.38 24.50
N ILE B 39 6.17 24.50 24.62
CA ILE B 39 7.62 24.52 24.39
C ILE B 39 8.35 23.60 25.38
N GLU B 40 7.98 23.70 26.64
CA GLU B 40 8.60 22.87 27.66
C GLU B 40 8.32 21.40 27.39
N TYR B 41 7.10 21.08 26.98
CA TYR B 41 6.72 19.70 26.74
C TYR B 41 7.48 19.15 25.54
N ALA B 42 7.56 19.96 24.49
CA ALA B 42 8.27 19.57 23.27
C ALA B 42 9.72 19.24 23.58
N LYS B 43 10.38 20.07 24.39
CA LYS B 43 11.77 19.82 24.75
CA LYS B 43 11.77 19.82 24.76
C LYS B 43 11.91 18.50 25.50
N SER B 44 10.98 18.24 26.42
CA SER B 44 11.06 17.03 27.24
C SER B 44 10.92 15.76 26.42
N ILE B 45 10.23 15.82 25.29
CA ILE B 45 10.05 14.61 24.48
C ILE B 45 11.11 14.51 23.38
N GLY B 46 12.05 15.45 23.36
CA GLY B 46 13.19 15.34 22.46
C GLY B 46 13.19 16.28 21.25
N VAL B 47 12.25 17.21 21.20
CA VAL B 47 12.29 18.20 20.14
C VAL B 47 13.46 19.13 20.37
N ASP B 48 14.32 19.30 19.38
CA ASP B 48 15.54 20.08 19.57
C ASP B 48 15.36 21.57 19.32
N LYS B 49 14.45 21.91 18.41
CA LYS B 49 14.08 23.31 18.24
C LYS B 49 12.60 23.41 17.93
N ILE B 50 11.93 24.39 18.53
CA ILE B 50 10.52 24.61 18.25
C ILE B 50 10.27 26.09 18.00
N GLY B 51 9.44 26.41 17.02
CA GLY B 51 9.18 27.78 16.66
C GLY B 51 7.72 27.99 16.29
N PHE B 52 7.31 29.26 16.18
CA PHE B 52 5.92 29.59 15.93
C PHE B 52 5.79 30.62 14.82
N THR B 53 4.84 30.40 13.92
CA THR B 53 4.50 31.39 12.90
C THR B 53 2.98 31.46 12.77
N THR B 54 2.51 32.40 11.96
CA THR B 54 1.08 32.55 11.70
C THR B 54 0.64 31.52 10.65
N ALA B 55 -0.66 31.49 10.38
CA ALA B 55 -1.19 30.65 9.30
C ALA B 55 -1.41 31.49 8.04
N ASP B 56 -0.73 32.63 7.96
CA ASP B 56 -0.86 33.50 6.79
C ASP B 56 -0.30 32.84 5.54
N THR B 57 -0.75 33.29 4.38
CA THR B 57 -0.27 32.74 3.11
CA THR B 57 -0.28 32.76 3.10
C THR B 57 1.23 32.98 2.94
N PHE B 58 1.89 32.06 2.24
CA PHE B 58 3.31 32.17 1.93
C PHE B 58 3.50 32.82 0.55
N ASP B 59 3.42 34.15 0.51
CA ASP B 59 3.40 34.88 -0.75
C ASP B 59 4.71 34.81 -1.53
N SER B 60 5.83 34.97 -0.82
CA SER B 60 7.13 34.84 -1.46
C SER B 60 7.27 33.45 -2.08
N LEU B 61 6.94 32.43 -1.30
CA LEU B 61 7.04 31.05 -1.73
C LEU B 61 6.23 30.79 -3.00
N LYS B 62 5.05 31.41 -3.09
CA LYS B 62 4.20 31.23 -4.26
C LYS B 62 4.90 31.65 -5.54
N ASP B 63 5.46 32.85 -5.53
CA ASP B 63 6.19 33.38 -6.68
C ASP B 63 7.41 32.50 -7.01
N ARG B 64 8.07 32.02 -5.96
CA ARG B 64 9.25 31.18 -6.14
C ARG B 64 8.90 29.83 -6.76
N LEU B 65 7.82 29.21 -6.28
CA LEU B 65 7.41 27.92 -6.84
C LEU B 65 7.03 28.06 -8.33
N ILE B 66 6.35 29.14 -8.67
CA ILE B 66 5.98 29.38 -10.06
C ILE B 66 7.23 29.60 -10.92
N LEU B 67 8.20 30.35 -10.42
CA LEU B 67 9.44 30.57 -11.16
C LEU B 67 10.19 29.25 -11.37
N GLN B 68 10.37 28.49 -10.29
CA GLN B 68 11.10 27.23 -10.38
C GLN B 68 10.42 26.26 -11.35
N GLU B 69 9.10 26.24 -11.33
CA GLU B 69 8.34 25.45 -12.29
C GLU B 69 8.61 25.91 -13.73
N SER B 70 8.54 27.22 -13.93
CA SER B 70 8.79 27.81 -15.25
C SER B 70 10.16 27.40 -15.79
N LEU B 71 11.15 27.37 -14.90
CA LEU B 71 12.52 27.07 -15.29
C LEU B 71 12.76 25.58 -15.45
N GLY B 72 11.82 24.77 -14.98
CA GLY B 72 11.96 23.32 -15.02
C GLY B 72 12.92 22.81 -13.96
N TYR B 73 12.96 23.53 -12.83
CA TYR B 73 13.93 23.26 -11.79
C TYR B 73 13.39 22.44 -10.63
N LEU B 74 12.11 22.08 -10.68
CA LEU B 74 11.53 21.30 -9.58
C LEU B 74 11.81 19.82 -9.79
N SER B 75 11.57 19.02 -8.76
CA SER B 75 11.90 17.60 -8.78
C SER B 75 10.73 16.72 -9.19
N GLY B 76 9.51 17.16 -8.87
CA GLY B 76 8.33 16.34 -9.07
C GLY B 76 7.89 15.65 -7.79
N PHE B 77 8.70 15.77 -6.74
CA PHE B 77 8.37 15.22 -5.42
C PHE B 77 7.54 16.20 -4.58
N GLU B 78 7.37 17.41 -5.11
CA GLU B 78 6.60 18.43 -4.41
C GLU B 78 5.10 18.18 -4.59
N GLU B 79 4.30 18.61 -3.62
CA GLU B 79 2.86 18.70 -3.82
C GLU B 79 2.58 19.51 -5.09
N PRO B 80 1.75 18.98 -6.00
CA PRO B 80 1.55 19.70 -7.27
C PRO B 80 0.70 20.96 -7.18
N ASP B 81 -0.22 21.04 -6.20
CA ASP B 81 -1.16 22.17 -6.14
C ASP B 81 -0.53 23.32 -5.35
N ILE B 82 -0.13 24.37 -6.06
CA ILE B 82 0.60 25.47 -5.45
C ILE B 82 -0.25 26.23 -4.43
N GLU B 83 -1.54 26.41 -4.73
CA GLU B 83 -2.44 27.06 -3.78
C GLU B 83 -2.45 26.32 -2.43
N LYS B 84 -2.46 25.00 -2.47
CA LYS B 84 -2.41 24.22 -1.23
C LYS B 84 -1.09 24.41 -0.49
N ARG B 85 0.00 24.49 -1.25
CA ARG B 85 1.32 24.60 -0.65
C ARG B 85 1.55 25.90 0.10
N VAL B 86 0.87 26.97 -0.33
CA VAL B 86 1.16 28.29 0.23
C VAL B 86 0.04 28.83 1.12
N THR B 87 -1.02 28.05 1.30
CA THR B 87 -2.20 28.53 2.02
C THR B 87 -2.60 27.61 3.16
N PRO B 88 -1.99 27.79 4.35
CA PRO B 88 -2.30 26.94 5.52
C PRO B 88 -3.80 26.85 5.83
N LYS B 89 -4.54 27.92 5.63
CA LYS B 89 -5.96 27.93 5.97
C LYS B 89 -6.80 27.07 5.02
N LEU B 90 -6.24 26.73 3.86
CA LEU B 90 -6.89 25.78 2.98
C LEU B 90 -6.72 24.36 3.51
N LEU B 91 -5.62 24.13 4.23
CA LEU B 91 -5.28 22.80 4.74
C LEU B 91 -6.00 22.52 6.05
N LEU B 92 -6.16 23.57 6.86
CA LEU B 92 -6.90 23.48 8.11
C LEU B 92 -7.76 24.72 8.21
N PRO B 93 -9.07 24.56 7.98
CA PRO B 93 -9.97 25.72 8.00
C PRO B 93 -9.86 26.52 9.29
N LYS B 94 -9.83 27.84 9.15
CA LYS B 94 -9.70 28.77 10.27
C LYS B 94 -8.46 28.52 11.12
N ALA B 95 -7.38 28.13 10.46
CA ALA B 95 -6.07 28.01 11.08
C ALA B 95 -5.60 29.38 11.55
N LYS B 96 -4.87 29.40 12.67
CA LYS B 96 -4.37 30.66 13.20
C LYS B 96 -2.85 30.65 13.39
N SER B 97 -2.25 29.47 13.36
CA SER B 97 -0.80 29.36 13.57
C SER B 97 -0.24 28.05 13.04
N ILE B 98 1.09 28.01 12.93
CA ILE B 98 1.80 26.79 12.63
C ILE B 98 2.94 26.63 13.61
N VAL B 99 3.00 25.46 14.24
CA VAL B 99 4.09 25.13 15.14
C VAL B 99 5.14 24.33 14.39
N ALA B 100 6.35 24.86 14.30
CA ALA B 100 7.44 24.19 13.59
C ALA B 100 8.35 23.46 14.56
N ILE B 101 8.78 22.26 14.21
CA ILE B 101 9.73 21.54 15.06
C ILE B 101 10.91 21.05 14.23
N ALA B 102 12.04 20.86 14.90
CA ALA B 102 13.23 20.32 14.27
C ALA B 102 13.93 19.36 15.22
N LEU B 103 14.45 18.27 14.69
CA LEU B 103 15.31 17.37 15.45
C LEU B 103 16.64 17.23 14.73
N ALA B 104 17.72 17.35 15.50
CA ALA B 104 19.08 17.19 14.97
C ALA B 104 19.41 15.72 14.79
N TYR B 105 20.04 15.41 13.65
CA TYR B 105 20.44 14.04 13.38
C TYR B 105 21.97 13.90 13.29
N PRO B 106 22.48 12.69 13.58
CA PRO B 106 23.93 12.46 13.58
C PRO B 106 24.57 12.74 12.23
N SER B 107 25.77 13.31 12.24
CA SER B 107 26.48 13.58 10.99
C SER B 107 27.75 12.74 10.87
N ARG B 108 28.13 12.05 11.93
CA ARG B 108 29.26 11.14 11.86
C ARG B 108 28.89 9.73 12.25
N MSE B 109 29.29 8.77 11.42
CA MSE B 109 28.99 7.37 11.66
C MSE B 109 30.06 6.73 12.54
O MSE B 109 31.23 6.71 12.19
CB MSE B 109 28.87 6.61 10.35
CG MSE B 109 28.33 5.21 10.48
SE MSE B 109 28.37 4.25 8.78
CE MSE B 109 27.29 5.46 7.70
N LYS B 110 29.62 6.22 13.69
CA LYS B 110 30.51 5.53 14.61
C LYS B 110 30.94 4.19 14.04
N ASP B 111 32.26 3.97 14.02
CA ASP B 111 32.84 2.70 13.57
C ASP B 111 32.42 2.38 12.14
N ALA B 112 32.50 3.37 11.27
CA ALA B 112 32.22 3.15 9.85
C ALA B 112 33.21 2.15 9.29
N PRO B 113 32.69 1.08 8.68
CA PRO B 113 33.57 0.07 8.06
C PRO B 113 34.24 0.63 6.82
N ARG B 114 35.49 0.25 6.57
CA ARG B 114 36.19 0.79 5.42
C ARG B 114 35.84 0.04 4.14
N SER B 115 35.57 0.81 3.09
CA SER B 115 35.41 0.27 1.75
C SER B 115 36.79 -0.08 1.19
N THR B 116 36.96 -1.33 0.74
CA THR B 116 38.26 -1.80 0.25
C THR B 116 38.16 -2.33 -1.18
N ARG B 117 39.30 -2.52 -1.84
CA ARG B 117 39.30 -2.94 -3.23
C ARG B 117 38.53 -4.25 -3.46
N THR B 118 38.63 -5.17 -2.50
CA THR B 118 37.93 -6.44 -2.62
C THR B 118 36.50 -6.37 -2.07
N GLU B 119 36.26 -5.41 -1.19
CA GLU B 119 34.96 -5.27 -0.54
C GLU B 119 34.44 -3.84 -0.62
N ARG B 120 33.98 -3.44 -1.80
CA ARG B 120 33.49 -2.08 -2.00
C ARG B 120 32.12 -1.85 -1.38
N ARG B 121 31.95 -0.67 -0.80
CA ARG B 121 30.70 -0.27 -0.18
C ARG B 121 30.13 0.98 -0.82
N GLY B 122 28.82 1.16 -0.69
CA GLY B 122 28.17 2.38 -1.10
C GLY B 122 27.76 3.16 0.13
N ILE B 123 27.14 4.31 -0.05
CA ILE B 123 26.77 5.10 1.12
C ILE B 123 25.36 5.70 0.99
N PHE B 124 24.62 5.68 2.09
CA PHE B 124 23.33 6.35 2.21
C PHE B 124 23.57 7.70 2.86
N CYS B 125 22.83 8.73 2.43
CA CYS B 125 22.97 10.05 3.03
C CYS B 125 22.57 10.04 4.51
N ARG B 126 23.03 11.05 5.24
CA ARG B 126 22.80 11.15 6.68
C ARG B 126 21.30 11.20 7.03
N ALA B 127 20.49 11.72 6.12
CA ALA B 127 19.05 11.81 6.35
C ALA B 127 18.36 10.47 6.16
N SER B 128 19.14 9.43 5.82
CA SER B 128 18.62 8.07 5.74
C SER B 128 19.39 7.14 6.68
N TRP B 129 19.91 7.70 7.77
CA TRP B 129 20.53 6.90 8.81
C TRP B 129 19.52 6.59 9.91
N GLY B 130 19.47 5.33 10.34
CA GLY B 130 18.57 4.94 11.41
C GLY B 130 17.10 4.95 11.01
N LYS B 131 16.22 5.03 12.01
CA LYS B 131 14.79 4.94 11.78
C LYS B 131 14.24 6.13 11.00
N ASP B 132 13.51 5.83 9.93
CA ASP B 132 12.86 6.81 9.05
C ASP B 132 12.35 8.03 9.82
N TYR B 133 12.87 9.21 9.47
CA TYR B 133 12.51 10.44 10.18
C TYR B 133 11.01 10.75 10.04
N HIS B 134 10.38 10.25 8.98
CA HIS B 134 8.94 10.44 8.81
C HIS B 134 8.19 9.85 10.00
N ASP B 135 8.60 8.66 10.42
CA ASP B 135 7.99 8.00 11.57
C ASP B 135 8.33 8.68 12.88
N VAL B 136 9.60 9.06 13.04
CA VAL B 136 10.03 9.64 14.31
C VAL B 136 9.36 10.99 14.55
N LEU B 137 9.37 11.86 13.55
CA LEU B 137 8.83 13.20 13.77
C LEU B 137 7.30 13.16 13.84
N ARG B 138 6.68 12.22 13.16
CA ARG B 138 5.22 12.05 13.28
C ARG B 138 4.84 11.61 14.69
N GLU B 139 5.64 10.72 15.27
CA GLU B 139 5.41 10.27 16.63
C GLU B 139 5.46 11.47 17.59
N LYS B 140 6.39 12.39 17.36
CA LYS B 140 6.50 13.57 18.21
C LYS B 140 5.35 14.54 18.00
N LEU B 141 4.95 14.74 16.74
CA LEU B 141 3.78 15.57 16.45
C LEU B 141 2.53 15.03 17.13
N ASP B 142 2.36 13.70 17.08
CA ASP B 142 1.19 13.07 17.69
C ASP B 142 1.12 13.36 19.19
N LEU B 143 2.27 13.31 19.86
CA LEU B 143 2.31 13.64 21.28
C LEU B 143 1.92 15.10 21.53
N LEU B 144 2.43 16.00 20.68
CA LEU B 144 2.12 17.42 20.81
C LEU B 144 0.64 17.67 20.55
N GLU B 145 0.07 16.97 19.57
N GLU B 145 0.08 16.97 19.57
CA GLU B 145 -1.36 17.07 19.28
CA GLU B 145 -1.36 17.07 19.29
C GLU B 145 -2.19 16.64 20.48
C GLU B 145 -2.17 16.66 20.51
N ASP B 146 -1.79 15.55 21.12
CA ASP B 146 -2.52 15.04 22.28
C ASP B 146 -2.37 15.98 23.47
N PHE B 147 -1.18 16.57 23.61
CA PHE B 147 -0.96 17.57 24.65
C PHE B 147 -2.00 18.70 24.53
N LEU B 148 -2.15 19.21 23.31
CA LEU B 148 -3.07 20.31 23.07
C LEU B 148 -4.53 19.93 23.28
N LYS B 149 -4.95 18.81 22.72
CA LYS B 149 -6.35 18.40 22.79
C LYS B 149 -6.75 17.89 24.19
N SER B 150 -5.77 17.53 24.99
CA SER B 150 -6.04 17.08 26.36
C SER B 150 -6.53 18.24 27.21
N LYS B 151 -6.24 19.46 26.75
CA LYS B 151 -6.74 20.66 27.40
C LYS B 151 -8.26 20.76 27.21
N HIS B 152 -8.76 20.04 26.21
CA HIS B 152 -10.18 19.99 25.88
C HIS B 152 -10.76 21.38 25.68
N GLU B 153 -10.20 22.10 24.71
CA GLU B 153 -10.60 23.47 24.42
C GLU B 153 -10.91 23.66 22.95
N ASP B 154 -11.46 22.62 22.32
CA ASP B 154 -11.84 22.66 20.91
C ASP B 154 -10.66 23.04 20.01
N ILE B 155 -9.47 22.62 20.40
CA ILE B 155 -8.29 22.83 19.58
C ILE B 155 -8.28 21.85 18.41
N ARG B 156 -7.95 22.35 17.23
CA ARG B 156 -7.87 21.51 16.04
C ARG B 156 -6.49 21.62 15.41
N THR B 157 -6.00 20.52 14.85
CA THR B 157 -4.64 20.44 14.36
C THR B 157 -4.52 19.68 13.04
N LYS B 158 -3.46 19.98 12.29
CA LYS B 158 -3.08 19.19 11.13
C LYS B 158 -1.56 19.13 11.04
N SER B 159 -1.03 17.91 11.10
CA SER B 159 0.42 17.72 11.18
C SER B 159 0.98 17.10 9.91
N MSE B 160 2.23 17.44 9.59
CA MSE B 160 2.89 16.85 8.44
C MSE B 160 4.40 16.86 8.57
O MSE B 160 4.98 17.71 9.26
CB MSE B 160 2.46 17.59 7.17
CG MSE B 160 2.74 19.08 7.23
SE MSE B 160 1.70 20.04 5.88
CE MSE B 160 -0.06 19.96 6.73
N VAL B 161 5.05 15.90 7.92
CA VAL B 161 6.50 15.88 7.81
C VAL B 161 6.84 15.42 6.40
N ASP B 162 7.40 16.34 5.62
CA ASP B 162 7.93 16.09 4.27
C ASP B 162 6.89 15.73 3.20
N THR B 163 5.92 14.89 3.54
CA THR B 163 4.97 14.39 2.54
C THR B 163 3.66 15.18 2.54
N GLY B 164 3.63 16.27 3.28
CA GLY B 164 2.47 17.13 3.32
C GLY B 164 2.56 18.23 2.28
N GLU B 165 1.52 19.06 2.21
CA GLU B 165 1.40 20.09 1.18
C GLU B 165 2.38 21.26 1.35
N LEU B 166 2.62 21.66 2.60
CA LEU B 166 3.44 22.84 2.86
C LEU B 166 4.90 22.64 2.49
N SER B 167 5.61 23.75 2.32
CA SER B 167 7.06 23.71 2.29
C SER B 167 7.56 23.71 3.71
N ASP B 168 8.14 22.59 4.16
CA ASP B 168 8.62 22.51 5.54
C ASP B 168 9.67 23.59 5.82
N ARG B 169 10.53 23.86 4.85
CA ARG B 169 11.55 24.91 4.98
C ARG B 169 10.95 26.31 5.10
N ALA B 170 9.96 26.64 4.25
CA ALA B 170 9.32 27.94 4.33
C ALA B 170 8.71 28.17 5.70
N VAL B 171 8.09 27.13 6.24
CA VAL B 171 7.52 27.20 7.59
C VAL B 171 8.62 27.43 8.62
N ALA B 172 9.68 26.64 8.54
CA ALA B 172 10.78 26.72 9.50
C ALA B 172 11.45 28.10 9.48
N GLU B 173 11.67 28.64 8.29
CA GLU B 173 12.24 29.97 8.17
C GLU B 173 11.36 31.04 8.83
N ARG B 174 10.06 30.97 8.59
CA ARG B 174 9.16 32.00 9.10
C ARG B 174 8.95 31.84 10.61
N ALA B 175 9.18 30.62 11.10
CA ALA B 175 9.02 30.33 12.53
C ALA B 175 10.31 30.57 13.31
N GLY B 176 11.39 30.92 12.62
CA GLY B 176 12.64 31.23 13.29
C GLY B 176 13.47 30.03 13.68
N ILE B 177 13.20 28.89 13.06
CA ILE B 177 13.96 27.66 13.34
C ILE B 177 15.40 27.80 12.87
N GLY B 178 15.56 28.28 11.63
CA GLY B 178 16.86 28.45 11.01
C GLY B 178 16.71 29.42 9.85
N PHE B 179 17.83 29.79 9.22
CA PHE B 179 17.75 30.68 8.07
C PHE B 179 17.93 29.89 6.79
N SER B 180 17.50 30.47 5.68
CA SER B 180 17.64 29.83 4.37
C SER B 180 19.02 30.11 3.78
N ALA B 181 19.85 29.07 3.76
CA ALA B 181 21.24 29.22 3.35
C ALA B 181 21.41 29.11 1.84
N LYS B 182 22.62 29.40 1.35
CA LYS B 182 22.86 29.40 -0.09
C LYS B 182 22.79 28.00 -0.70
N ASN B 183 22.94 26.98 0.14
CA ASN B 183 22.79 25.60 -0.33
C ASN B 183 21.33 25.13 -0.27
N CYS B 184 20.42 26.06 -0.04
CA CYS B 184 18.97 25.83 0.10
C CYS B 184 18.57 25.23 1.46
N MSE B 185 19.54 24.87 2.30
CA MSE B 185 19.22 24.28 3.59
C MSE B 185 18.71 25.29 4.62
O MSE B 185 19.24 26.41 4.71
CB MSE B 185 20.44 23.57 4.19
CG MSE B 185 21.07 22.51 3.29
SE MSE B 185 19.94 20.98 2.92
CE MSE B 185 19.62 20.43 4.78
N ILE B 186 17.70 24.91 5.39
CA ILE B 186 17.40 25.62 6.63
C ILE B 186 18.52 25.27 7.58
N THR B 187 19.24 26.29 8.04
CA THR B 187 20.43 26.10 8.83
C THR B 187 20.27 26.78 10.19
N THR B 188 20.44 25.99 11.25
CA THR B 188 20.25 26.44 12.61
C THR B 188 21.58 26.81 13.26
N PRO B 189 21.55 27.80 14.17
CA PRO B 189 22.79 28.17 14.87
C PRO B 189 23.40 27.01 15.67
N GLU B 190 22.57 26.29 16.41
CA GLU B 190 23.02 25.27 17.35
CA GLU B 190 23.10 25.28 17.33
C GLU B 190 23.40 23.96 16.65
N TYR B 191 22.61 23.57 15.66
CA TYR B 191 22.74 22.25 15.05
C TYR B 191 23.19 22.25 13.59
N GLY B 192 23.40 23.43 13.03
CA GLY B 192 23.73 23.54 11.62
C GLY B 192 22.55 23.13 10.76
N SER B 193 22.84 22.57 9.59
CA SER B 193 21.78 22.19 8.67
C SER B 193 21.30 20.76 8.90
N TYR B 194 22.00 20.03 9.78
CA TYR B 194 21.69 18.62 10.00
C TYR B 194 20.48 18.43 10.90
N VAL B 195 19.32 18.91 10.44
CA VAL B 195 18.09 18.73 11.19
C VAL B 195 16.96 18.27 10.28
N TYR B 196 16.08 17.43 10.82
CA TYR B 196 14.81 17.09 10.17
C TYR B 196 13.77 18.12 10.56
N LEU B 197 12.87 18.45 9.63
CA LEU B 197 11.83 19.44 9.90
C LEU B 197 10.44 18.83 9.86
N ALA B 198 9.53 19.40 10.65
CA ALA B 198 8.12 19.06 10.57
C ALA B 198 7.30 20.21 11.14
N GLU B 199 5.99 20.15 10.97
CA GLU B 199 5.16 21.24 11.49
C GLU B 199 3.72 20.80 11.72
N MSE B 200 3.03 21.58 12.54
CA MSE B 200 1.68 21.27 12.96
C MSE B 200 0.84 22.54 12.86
O MSE B 200 1.09 23.51 13.59
CB MSE B 200 1.66 20.73 14.40
CG MSE B 200 0.30 20.39 14.95
SE MSE B 200 0.38 19.74 16.79
CE MSE B 200 1.26 21.25 17.65
N ILE B 201 -0.11 22.57 11.94
CA ILE B 201 -1.01 23.70 11.83
C ILE B 201 -2.06 23.60 12.96
N THR B 202 -2.38 24.73 13.58
CA THR B 202 -3.41 24.74 14.62
C THR B 202 -4.35 25.93 14.49
N ASN B 203 -5.47 25.88 15.20
CA ASN B 203 -6.40 27.01 15.26
C ASN B 203 -6.14 27.90 16.47
N ILE B 204 -4.95 27.78 17.06
CA ILE B 204 -4.57 28.60 18.21
C ILE B 204 -3.77 29.83 17.79
N PRO B 205 -4.22 31.03 18.20
CA PRO B 205 -3.52 32.25 17.80
C PRO B 205 -2.25 32.53 18.62
N PHE B 206 -1.28 31.61 18.55
CA PHE B 206 0.03 31.80 19.15
C PHE B 206 0.75 33.03 18.58
N GLU B 207 1.39 33.80 19.45
CA GLU B 207 2.26 34.88 19.03
C GLU B 207 3.42 34.31 18.20
N PRO B 208 3.64 34.86 17.00
CA PRO B 208 4.71 34.31 16.15
C PRO B 208 6.11 34.70 16.61
N ASP B 209 7.09 33.91 16.20
CA ASP B 209 8.49 34.19 16.47
C ASP B 209 9.08 35.04 15.34
N VAL B 210 10.36 35.39 15.49
CA VAL B 210 11.04 36.25 14.52
C VAL B 210 12.05 35.44 13.71
N PRO B 211 12.06 35.64 12.37
CA PRO B 211 13.05 34.94 11.54
C PRO B 211 14.47 35.35 11.92
N ILE B 212 15.45 34.47 11.73
CA ILE B 212 16.79 34.78 12.21
C ILE B 212 17.76 35.18 11.09
N GLU B 213 18.89 35.74 11.51
CA GLU B 213 19.86 36.35 10.61
C GLU B 213 20.50 35.36 9.65
N ASP B 214 20.71 35.80 8.41
CA ASP B 214 21.45 35.01 7.43
C ASP B 214 22.94 35.06 7.76
N MSE B 215 23.57 33.89 7.82
CA MSE B 215 24.96 33.79 8.27
C MSE B 215 25.94 33.38 7.17
O MSE B 215 27.11 33.11 7.44
CB MSE B 215 25.07 32.79 9.43
CG MSE B 215 24.19 33.12 10.63
SE MSE B 215 24.62 34.84 11.44
CE MSE B 215 26.46 34.47 11.97
N CYS B 216 25.47 33.33 5.92
CA CYS B 216 26.31 32.86 4.83
C CYS B 216 27.35 33.89 4.37
N GLY B 217 27.00 35.16 4.47
CA GLY B 217 27.88 36.21 4.02
C GLY B 217 28.28 36.05 2.56
N SER B 218 29.57 36.22 2.29
CA SER B 218 30.09 36.13 0.92
C SER B 218 30.61 34.74 0.57
N CYS B 219 30.34 33.78 1.45
CA CYS B 219 30.80 32.40 1.24
C CYS B 219 30.06 31.77 0.04
N THR B 220 30.76 30.91 -0.71
CA THR B 220 30.14 30.21 -1.83
C THR B 220 30.63 28.76 -1.92
N LYS B 221 31.05 28.20 -0.79
CA LYS B 221 31.72 26.91 -0.79
C LYS B 221 30.82 25.77 -1.27
N CYS B 222 29.54 25.79 -0.89
CA CYS B 222 28.59 24.78 -1.33
C CYS B 222 28.38 24.86 -2.84
N LEU B 223 28.18 26.06 -3.34
CA LEU B 223 27.94 26.29 -4.76
C LEU B 223 29.12 25.79 -5.58
N ASP B 224 30.33 26.01 -5.05
CA ASP B 224 31.55 25.59 -5.74
C ASP B 224 31.79 24.08 -5.64
N ALA B 225 31.32 23.48 -4.56
CA ALA B 225 31.60 22.07 -4.31
C ALA B 225 30.62 21.13 -5.00
N CYS B 226 29.42 21.61 -5.31
CA CYS B 226 28.40 20.76 -5.89
C CYS B 226 28.89 20.10 -7.18
N PRO B 227 28.89 18.76 -7.22
CA PRO B 227 29.50 18.01 -8.32
C PRO B 227 28.85 18.23 -9.68
N THR B 228 27.57 18.61 -9.69
CA THR B 228 26.85 18.76 -10.96
C THR B 228 26.50 20.22 -11.27
N GLY B 229 26.77 21.11 -10.32
CA GLY B 229 26.43 22.51 -10.48
C GLY B 229 24.94 22.73 -10.39
N ALA B 230 24.28 21.86 -9.62
CA ALA B 230 22.83 21.91 -9.44
C ALA B 230 22.40 23.15 -8.68
N LEU B 231 23.28 23.66 -7.82
CA LEU B 231 23.06 24.94 -7.17
C LEU B 231 23.43 26.04 -8.16
N VAL B 232 22.43 26.51 -8.91
CA VAL B 232 22.70 27.37 -10.06
C VAL B 232 22.86 28.82 -9.66
N ASN B 233 22.24 29.19 -8.55
CA ASN B 233 22.40 30.49 -7.92
C ASN B 233 22.26 30.29 -6.42
N PRO B 234 22.71 31.27 -5.60
CA PRO B 234 22.51 31.11 -4.16
C PRO B 234 21.05 30.82 -3.81
N GLY B 235 20.80 29.71 -3.12
CA GLY B 235 19.46 29.35 -2.72
C GLY B 235 18.55 28.89 -3.86
N GLN B 236 19.15 28.53 -5.00
CA GLN B 236 18.36 28.07 -6.15
C GLN B 236 18.88 26.74 -6.67
N LEU B 237 18.06 25.70 -6.54
CA LEU B 237 18.45 24.36 -6.97
C LEU B 237 17.76 24.00 -8.28
N ASN B 238 18.55 23.57 -9.27
CA ASN B 238 17.98 22.86 -10.40
C ASN B 238 17.91 21.39 -9.99
N ALA B 239 16.75 20.98 -9.50
CA ALA B 239 16.62 19.67 -8.88
C ALA B 239 16.86 18.54 -9.89
N GLN B 240 16.62 18.80 -11.18
CA GLN B 240 16.84 17.77 -12.19
C GLN B 240 18.33 17.42 -12.33
N ARG B 241 19.21 18.25 -11.78
CA ARG B 241 20.65 17.98 -11.87
C ARG B 241 21.26 17.59 -10.52
N CYS B 242 20.42 17.59 -9.47
CA CYS B 242 20.89 17.30 -8.12
C CYS B 242 21.03 15.80 -7.90
N ILE B 243 22.21 15.37 -7.46
CA ILE B 243 22.49 13.95 -7.24
C ILE B 243 21.49 13.35 -6.27
N SER B 244 21.07 14.11 -5.27
CA SER B 244 20.07 13.60 -4.34
C SER B 244 18.82 13.14 -5.09
N PHE B 245 18.32 14.00 -5.99
CA PHE B 245 17.16 13.65 -6.78
C PHE B 245 17.46 12.47 -7.70
N LEU B 246 18.60 12.55 -8.39
CA LEU B 246 18.96 11.53 -9.37
C LEU B 246 19.08 10.12 -8.78
N THR B 247 19.52 10.01 -7.52
CA THR B 247 19.66 8.68 -6.91
C THR B 247 18.30 8.03 -6.71
N GLN B 248 17.25 8.85 -6.71
CA GLN B 248 15.91 8.37 -6.41
C GLN B 248 15.05 8.10 -7.65
N THR B 249 15.60 8.32 -8.84
CA THR B 249 14.82 8.08 -10.05
C THR B 249 14.77 6.58 -10.38
N LYS B 250 13.70 6.17 -11.05
CA LYS B 250 13.47 4.75 -11.32
C LYS B 250 13.88 4.32 -12.72
N GLY B 251 14.10 5.29 -13.61
CA GLY B 251 14.51 4.97 -14.97
C GLY B 251 16.02 4.87 -15.10
N PHE B 252 16.52 4.96 -16.34
CA PHE B 252 17.96 5.01 -16.59
C PHE B 252 18.53 6.36 -16.17
N LEU B 253 19.69 6.34 -15.51
CA LEU B 253 20.37 7.57 -15.15
C LEU B 253 21.02 8.17 -16.40
N PRO B 254 20.75 9.46 -16.67
CA PRO B 254 21.39 10.07 -17.85
C PRO B 254 22.90 9.93 -17.76
N ASP B 255 23.55 9.63 -18.89
CA ASP B 255 24.96 9.27 -18.91
C ASP B 255 25.87 10.30 -18.25
N GLU B 256 25.53 11.58 -18.38
CA GLU B 256 26.40 12.64 -17.85
C GLU B 256 26.59 12.53 -16.33
N PHE B 257 25.63 11.92 -15.64
CA PHE B 257 25.72 11.82 -14.18
C PHE B 257 26.29 10.48 -13.70
N ARG B 258 26.46 9.54 -14.61
CA ARG B 258 26.92 8.21 -14.24
C ARG B 258 28.32 8.23 -13.64
N THR B 259 29.11 9.23 -14.02
CA THR B 259 30.45 9.38 -13.47
C THR B 259 30.51 10.36 -12.29
N LYS B 260 29.36 10.91 -11.90
CA LYS B 260 29.35 11.91 -10.84
C LYS B 260 28.71 11.41 -9.55
N ILE B 261 27.99 10.30 -9.65
CA ILE B 261 27.27 9.74 -8.50
C ILE B 261 28.25 9.12 -7.49
N GLY B 262 29.40 8.64 -7.97
CA GLY B 262 30.40 8.06 -7.10
C GLY B 262 29.92 6.76 -6.48
N ASN B 263 29.99 6.64 -5.15
CA ASN B 263 29.48 5.44 -4.51
C ASN B 263 28.20 5.73 -3.71
N ARG B 264 27.51 6.80 -4.07
CA ARG B 264 26.26 7.15 -3.41
C ARG B 264 25.11 6.24 -3.83
N LEU B 265 24.39 5.70 -2.85
CA LEU B 265 23.26 4.82 -3.15
C LEU B 265 21.94 5.55 -3.00
N TYR B 266 21.94 6.56 -2.12
CA TYR B 266 20.74 7.31 -1.85
C TYR B 266 21.15 8.64 -1.24
N GLY B 267 20.70 9.75 -1.85
CA GLY B 267 20.98 11.08 -1.36
C GLY B 267 22.40 11.56 -1.62
N CYS B 268 22.64 12.82 -1.26
CA CYS B 268 23.93 13.47 -1.40
C CYS B 268 24.08 14.50 -0.27
N ASP B 269 25.22 14.52 0.40
CA ASP B 269 25.45 15.39 1.55
C ASP B 269 26.53 16.44 1.29
N THR B 270 27.03 16.52 0.07
CA THR B 270 28.22 17.32 -0.20
C THR B 270 28.06 18.82 0.10
N CYS B 271 26.92 19.41 -0.24
CA CYS B 271 26.72 20.83 0.02
C CYS B 271 26.55 21.11 1.52
N GLN B 272 26.37 20.07 2.32
CA GLN B 272 26.32 20.23 3.78
C GLN B 272 27.67 19.97 4.44
N THR B 273 28.39 18.95 3.99
CA THR B 273 29.65 18.61 4.64
C THR B 273 30.73 19.66 4.38
N VAL B 274 30.63 20.37 3.26
CA VAL B 274 31.62 21.42 2.97
C VAL B 274 31.28 22.73 3.68
N CYS B 275 30.10 22.82 4.29
CA CYS B 275 29.64 24.05 4.91
C CYS B 275 30.30 24.33 6.25
N PRO B 276 30.95 25.51 6.38
CA PRO B 276 31.61 25.89 7.64
C PRO B 276 30.64 25.99 8.82
N LEU B 277 29.37 26.25 8.56
CA LEU B 277 28.39 26.37 9.64
C LEU B 277 28.03 25.00 10.22
N ASN B 278 28.44 23.94 9.52
CA ASN B 278 28.23 22.57 10.00
C ASN B 278 29.47 21.98 10.66
N LYS B 279 30.58 22.72 10.60
CA LYS B 279 31.83 22.26 11.18
C LYS B 279 31.68 21.96 12.66
N GLY B 280 32.03 20.74 13.07
CA GLY B 280 31.96 20.36 14.48
C GLY B 280 30.55 20.06 14.95
N LYS B 281 29.59 20.03 14.03
CA LYS B 281 28.21 19.69 14.36
C LYS B 281 27.95 18.21 14.13
N ASP B 282 27.93 17.44 15.21
CA ASP B 282 27.64 16.01 15.15
C ASP B 282 26.87 15.59 16.39
N PHE B 283 25.56 15.74 16.33
CA PHE B 283 24.72 15.49 17.49
C PHE B 283 24.13 14.08 17.51
N HIS B 284 24.25 13.42 18.66
CA HIS B 284 23.69 12.09 18.86
C HIS B 284 22.68 12.13 20.00
N LEU B 285 21.51 12.69 19.72
CA LEU B 285 20.53 12.99 20.78
C LEU B 285 19.33 12.04 20.77
N HIS B 286 19.23 11.24 19.71
CA HIS B 286 18.10 10.36 19.52
C HIS B 286 18.60 8.98 19.10
N PRO B 287 18.63 8.04 20.06
CA PRO B 287 19.19 6.70 19.83
C PRO B 287 18.71 6.01 18.55
N GLU B 288 17.44 6.15 18.19
CA GLU B 288 16.93 5.41 17.03
C GLU B 288 17.47 5.96 15.70
N MSE B 289 18.06 7.15 15.73
CA MSE B 289 18.64 7.72 14.51
C MSE B 289 20.04 7.23 14.22
O MSE B 289 20.60 7.56 13.17
CB MSE B 289 18.65 9.24 14.58
CG MSE B 289 17.29 9.85 14.79
SE MSE B 289 17.38 11.78 14.67
CE MSE B 289 15.47 12.11 14.80
N GLU B 290 20.64 6.50 15.15
CA GLU B 290 21.98 5.98 14.97
C GLU B 290 22.04 5.07 13.74
N PRO B 291 22.97 5.34 12.84
CA PRO B 291 23.13 4.46 11.68
C PRO B 291 23.56 3.06 12.07
N ASP B 292 23.04 2.08 11.34
CA ASP B 292 23.55 0.73 11.37
C ASP B 292 24.54 0.64 10.20
N PRO B 293 25.85 0.57 10.49
CA PRO B 293 26.85 0.68 9.43
C PRO B 293 26.67 -0.33 8.29
N GLU B 294 26.11 -1.50 8.58
CA GLU B 294 25.99 -2.53 7.55
C GLU B 294 24.87 -2.25 6.55
N ILE B 295 23.95 -1.33 6.86
CA ILE B 295 23.00 -0.91 5.83
C ILE B 295 23.21 0.54 5.42
N ALA B 296 23.78 1.36 6.31
CA ALA B 296 24.02 2.76 5.99
C ALA B 296 25.21 2.89 5.03
N LYS B 297 26.17 1.98 5.17
CA LYS B 297 27.32 1.91 4.26
C LYS B 297 27.50 0.47 3.78
N PRO B 298 26.54 -0.04 2.99
CA PRO B 298 26.47 -1.47 2.69
C PRO B 298 27.46 -1.94 1.62
N LEU B 299 27.87 -3.20 1.73
CA LEU B 299 28.61 -3.86 0.66
C LEU B 299 27.79 -3.83 -0.63
N LEU B 300 28.44 -3.55 -1.75
CA LEU B 300 27.74 -3.35 -3.01
C LEU B 300 27.33 -4.65 -3.68
N LYS B 301 28.23 -5.63 -3.70
CA LYS B 301 27.93 -6.87 -4.42
C LYS B 301 26.70 -7.61 -3.86
N PRO B 302 26.54 -7.70 -2.52
CA PRO B 302 25.29 -8.33 -2.06
C PRO B 302 23.99 -7.59 -2.48
N LEU B 303 24.06 -6.30 -2.77
CA LEU B 303 22.87 -5.57 -3.21
C LEU B 303 22.41 -5.99 -4.61
N LEU B 304 23.31 -6.58 -5.39
CA LEU B 304 22.97 -6.96 -6.75
C LEU B 304 21.96 -8.11 -6.78
N ALA B 305 21.90 -8.88 -5.69
CA ALA B 305 21.08 -10.08 -5.68
C ALA B 305 20.09 -10.13 -4.52
N ILE B 306 19.83 -9.01 -3.88
CA ILE B 306 18.99 -9.03 -2.69
C ILE B 306 17.51 -9.24 -3.05
N SER B 307 16.86 -10.15 -2.34
CA SER B 307 15.44 -10.42 -2.57
C SER B 307 14.56 -9.30 -2.02
N ASN B 308 13.32 -9.23 -2.49
CA ASN B 308 12.38 -8.25 -1.98
C ASN B 308 12.14 -8.42 -0.49
N ARG B 309 12.07 -9.67 -0.04
CA ARG B 309 11.88 -9.95 1.38
C ARG B 309 13.07 -9.47 2.21
N GLU B 310 14.28 -9.78 1.75
CA GLU B 310 15.47 -9.38 2.49
C GLU B 310 15.66 -7.86 2.47
N PHE B 311 15.28 -7.22 1.36
CA PHE B 311 15.39 -5.78 1.27
C PHE B 311 14.47 -5.13 2.29
N LYS B 312 13.24 -5.62 2.34
CA LYS B 312 12.26 -5.08 3.27
C LYS B 312 12.71 -5.28 4.72
N GLU B 313 13.25 -6.47 5.01
CA GLU B 313 13.70 -6.77 6.36
C GLU B 313 14.90 -5.93 6.78
N LYS B 314 15.84 -5.72 5.86
CA LYS B 314 17.07 -4.98 6.17
C LYS B 314 16.91 -3.47 6.05
N PHE B 315 16.33 -3.01 4.95
CA PHE B 315 16.31 -1.59 4.62
C PHE B 315 14.94 -0.92 4.84
N GLY B 316 13.91 -1.72 5.10
CA GLY B 316 12.55 -1.23 5.16
C GLY B 316 12.22 -0.14 6.17
N HIS B 317 13.08 0.06 7.17
CA HIS B 317 12.78 1.07 8.18
C HIS B 317 13.60 2.35 8.05
N VAL B 318 14.38 2.46 6.98
CA VAL B 318 15.13 3.70 6.74
C VAL B 318 14.43 4.51 5.66
N SER B 319 14.63 5.82 5.67
CA SER B 319 13.92 6.70 4.75
C SER B 319 14.30 6.41 3.29
N GLY B 320 15.52 5.93 3.10
CA GLY B 320 16.04 5.66 1.76
C GLY B 320 15.41 4.48 1.05
N SER B 321 14.49 3.78 1.71
CA SER B 321 13.83 2.63 1.10
C SER B 321 12.50 2.99 0.45
N TRP B 322 12.12 4.26 0.49
CA TRP B 322 10.75 4.66 0.14
C TRP B 322 10.40 4.45 -1.33
N ARG B 323 11.40 4.23 -2.17
CA ARG B 323 11.15 3.99 -3.60
C ARG B 323 11.41 2.53 -3.98
N GLY B 324 11.57 1.67 -2.99
CA GLY B 324 11.88 0.27 -3.24
C GLY B 324 13.35 0.07 -3.58
N LYS B 325 13.70 -1.16 -3.93
CA LYS B 325 15.11 -1.52 -4.10
C LYS B 325 15.70 -1.17 -5.46
N LYS B 326 14.85 -0.89 -6.46
CA LYS B 326 15.36 -0.76 -7.82
C LYS B 326 16.38 0.37 -8.00
N PRO B 327 16.06 1.60 -7.52
CA PRO B 327 17.07 2.66 -7.68
C PRO B 327 18.35 2.39 -6.93
N ILE B 328 18.24 1.78 -5.74
CA ILE B 328 19.40 1.43 -4.94
C ILE B 328 20.28 0.40 -5.66
N GLN B 329 19.65 -0.59 -6.29
CA GLN B 329 20.39 -1.59 -7.04
C GLN B 329 21.02 -1.01 -8.30
N ARG B 330 20.31 -0.12 -8.99
CA ARG B 330 20.88 0.58 -10.14
C ARG B 330 22.12 1.37 -9.71
N ASN B 331 22.00 2.07 -8.58
CA ASN B 331 23.10 2.89 -8.10
C ASN B 331 24.28 2.04 -7.64
N ALA B 332 24.00 0.85 -7.11
CA ALA B 332 25.06 -0.08 -6.72
C ALA B 332 25.86 -0.54 -7.93
N ILE B 333 25.17 -0.78 -9.03
CA ILE B 333 25.82 -1.14 -10.29
C ILE B 333 26.73 -0.01 -10.74
N LEU B 334 26.21 1.21 -10.74
CA LEU B 334 26.99 2.38 -11.14
C LEU B 334 28.20 2.59 -10.21
N ALA B 335 28.03 2.31 -8.92
CA ALA B 335 29.13 2.42 -7.96
C ALA B 335 30.24 1.41 -8.24
N LEU B 336 29.85 0.19 -8.60
CA LEU B 336 30.84 -0.82 -8.97
C LEU B 336 31.60 -0.42 -10.23
N ALA B 337 30.90 0.19 -11.18
CA ALA B 337 31.57 0.71 -12.39
C ALA B 337 32.55 1.83 -12.01
N HIS B 338 32.10 2.70 -11.11
CA HIS B 338 32.92 3.78 -10.58
C HIS B 338 34.23 3.23 -10.00
N PHE B 339 34.12 2.10 -9.29
CA PHE B 339 35.29 1.48 -8.66
C PHE B 339 36.03 0.56 -9.62
N LYS B 340 35.50 0.41 -10.84
CA LYS B 340 36.01 -0.54 -11.82
C LYS B 340 36.28 -1.90 -11.19
N ASP B 341 35.29 -2.40 -10.46
CA ASP B 341 35.42 -3.65 -9.72
C ASP B 341 35.28 -4.86 -10.64
N ALA B 342 36.41 -5.37 -11.13
CA ALA B 342 36.40 -6.50 -12.07
C ALA B 342 35.80 -7.78 -11.47
N SER B 343 35.83 -7.91 -10.14
CA SER B 343 35.29 -9.11 -9.49
C SER B 343 33.75 -9.15 -9.53
N ALA B 344 33.13 -8.03 -9.88
CA ALA B 344 31.69 -7.99 -10.00
C ALA B 344 31.22 -8.39 -11.40
N LEU B 345 32.15 -8.55 -12.34
CA LEU B 345 31.77 -8.77 -13.73
C LEU B 345 30.90 -10.02 -13.96
N PRO B 346 31.23 -11.17 -13.33
CA PRO B 346 30.30 -12.30 -13.51
C PRO B 346 28.87 -12.01 -13.04
N GLU B 347 28.70 -11.43 -11.86
CA GLU B 347 27.36 -11.11 -11.39
C GLU B 347 26.64 -10.10 -12.28
N LEU B 348 27.37 -9.07 -12.73
CA LEU B 348 26.78 -8.09 -13.63
C LEU B 348 26.34 -8.74 -14.94
N THR B 349 27.14 -9.70 -15.40
CA THR B 349 26.83 -10.42 -16.63
C THR B 349 25.55 -11.22 -16.42
N GLU B 350 25.42 -11.84 -15.25
CA GLU B 350 24.23 -12.60 -14.93
C GLU B 350 23.00 -11.70 -14.89
N LEU B 351 23.13 -10.54 -14.25
CA LEU B 351 22.04 -9.56 -14.20
C LEU B 351 21.64 -9.09 -15.59
N MSE B 352 22.64 -8.82 -16.43
CA MSE B 352 22.39 -8.36 -17.79
C MSE B 352 21.49 -9.32 -18.56
O MSE B 352 20.65 -8.91 -19.36
CB MSE B 352 23.70 -8.16 -18.55
CG MSE B 352 23.50 -7.80 -20.00
SE MSE B 352 25.19 -7.59 -20.94
CE MSE B 352 25.94 -9.38 -20.65
N HIS B 353 21.66 -10.61 -18.29
CA HIS B 353 20.91 -11.65 -18.97
C HIS B 353 19.57 -11.97 -18.30
N LYS B 354 19.53 -11.92 -16.98
CA LYS B 354 18.43 -12.55 -16.25
C LYS B 354 17.46 -11.63 -15.51
N ASP B 355 17.90 -10.43 -15.14
CA ASP B 355 17.01 -9.56 -14.35
C ASP B 355 15.80 -9.15 -15.17
N PRO B 356 14.59 -9.26 -14.58
CA PRO B 356 13.38 -8.95 -15.35
C PRO B 356 13.22 -7.46 -15.66
N ARG B 357 14.03 -6.61 -15.06
CA ARG B 357 13.88 -5.16 -15.20
C ARG B 357 14.88 -4.57 -16.19
N PRO B 358 14.40 -3.96 -17.29
CA PRO B 358 15.31 -3.44 -18.31
C PRO B 358 16.32 -2.42 -17.78
N VAL B 359 15.94 -1.60 -16.82
CA VAL B 359 16.89 -0.63 -16.25
C VAL B 359 18.08 -1.34 -15.60
N ILE B 360 17.82 -2.46 -14.94
CA ILE B 360 18.89 -3.23 -14.31
C ILE B 360 19.73 -3.97 -15.37
N ARG B 361 19.07 -4.61 -16.33
CA ARG B 361 19.81 -5.31 -17.38
C ARG B 361 20.73 -4.36 -18.14
N GLY B 362 20.18 -3.21 -18.52
CA GLY B 362 20.91 -2.23 -19.31
C GLY B 362 22.02 -1.54 -18.53
N THR B 363 21.74 -1.16 -17.28
CA THR B 363 22.76 -0.50 -16.50
C THR B 363 23.90 -1.48 -16.21
N ALA B 364 23.55 -2.75 -16.01
CA ALA B 364 24.57 -3.78 -15.82
C ALA B 364 25.47 -3.92 -17.05
N ALA B 365 24.88 -3.87 -18.24
CA ALA B 365 25.67 -3.96 -19.48
C ALA B 365 26.62 -2.77 -19.63
N TRP B 366 26.11 -1.58 -19.34
CA TRP B 366 26.92 -0.36 -19.42
C TRP B 366 28.11 -0.46 -18.46
N ALA B 367 27.83 -0.87 -17.21
CA ALA B 367 28.87 -1.07 -16.20
C ALA B 367 29.95 -2.06 -16.65
N ILE B 368 29.54 -3.14 -17.31
CA ILE B 368 30.52 -4.11 -17.81
C ILE B 368 31.47 -3.41 -18.78
N GLY B 369 30.92 -2.60 -19.68
CA GLY B 369 31.74 -1.80 -20.58
C GLY B 369 32.64 -0.82 -19.85
N LYS B 370 32.07 -0.10 -18.88
CA LYS B 370 32.81 0.94 -18.16
C LYS B 370 33.95 0.37 -17.32
N ILE B 371 33.78 -0.84 -16.81
CA ILE B 371 34.80 -1.44 -15.95
C ILE B 371 36.06 -1.78 -16.74
N GLY B 372 35.90 -2.06 -18.04
CA GLY B 372 37.03 -2.07 -18.96
C GLY B 372 37.81 -3.36 -19.19
N ASP B 373 37.26 -4.49 -18.80
CA ASP B 373 37.90 -5.78 -19.08
C ASP B 373 37.47 -6.27 -20.46
N PRO B 374 38.41 -6.31 -21.42
CA PRO B 374 38.08 -6.68 -22.80
C PRO B 374 37.53 -8.10 -22.94
N ALA B 375 37.77 -8.94 -21.94
CA ALA B 375 37.35 -10.34 -22.00
C ALA B 375 35.82 -10.49 -22.02
N TYR B 376 35.10 -9.42 -21.69
CA TYR B 376 33.65 -9.50 -21.64
C TYR B 376 33.01 -8.87 -22.88
N ALA B 377 33.84 -8.38 -23.80
CA ALA B 377 33.34 -7.72 -25.00
C ALA B 377 32.48 -8.67 -25.84
N GLU B 378 32.95 -9.90 -26.04
CA GLU B 378 32.21 -10.85 -26.85
C GLU B 378 30.84 -11.17 -26.22
N GLU B 379 30.77 -11.29 -24.91
CA GLU B 379 29.48 -11.62 -24.31
C GLU B 379 28.49 -10.46 -24.42
N LEU B 380 28.97 -9.22 -24.40
CA LEU B 380 28.10 -8.07 -24.68
C LEU B 380 27.53 -8.17 -26.11
N GLU B 381 28.40 -8.50 -27.06
CA GLU B 381 27.99 -8.68 -28.45
CA GLU B 381 27.99 -8.68 -28.45
C GLU B 381 26.90 -9.73 -28.56
N LYS B 382 27.06 -10.83 -27.83
CA LYS B 382 26.07 -11.90 -27.86
C LYS B 382 24.77 -11.48 -27.17
N ALA B 383 24.88 -10.78 -26.05
CA ALA B 383 23.70 -10.28 -25.34
C ALA B 383 22.89 -9.34 -26.22
N LEU B 384 23.57 -8.53 -27.02
CA LEU B 384 22.91 -7.57 -27.88
C LEU B 384 21.90 -8.25 -28.80
N GLU B 385 22.25 -9.42 -29.33
CA GLU B 385 21.38 -10.11 -30.27
C GLU B 385 20.24 -10.87 -29.59
N LYS B 386 20.25 -10.92 -28.26
CA LYS B 386 19.23 -11.65 -27.52
C LYS B 386 18.27 -10.71 -26.78
N GLU B 387 18.75 -9.51 -26.46
CA GLU B 387 17.95 -8.53 -25.74
C GLU B 387 16.84 -7.94 -26.61
N LYS B 388 15.60 -7.95 -26.11
CA LYS B 388 14.45 -7.50 -26.89
C LYS B 388 13.97 -6.09 -26.54
N ASP B 389 14.36 -5.59 -25.36
CA ASP B 389 14.00 -4.25 -24.94
C ASP B 389 14.93 -3.21 -25.59
N GLU B 390 14.35 -2.26 -26.29
CA GLU B 390 15.16 -1.34 -27.10
C GLU B 390 16.08 -0.46 -26.26
N GLU B 391 15.62 -0.01 -25.09
CA GLU B 391 16.47 0.80 -24.22
C GLU B 391 17.62 -0.01 -23.64
N ALA B 392 17.35 -1.26 -23.27
CA ALA B 392 18.42 -2.10 -22.76
C ALA B 392 19.41 -2.42 -23.88
N LYS B 393 18.90 -2.61 -25.10
CA LYS B 393 19.77 -2.84 -26.25
C LYS B 393 20.74 -1.68 -26.44
N LEU B 394 20.21 -0.47 -26.32
CA LEU B 394 21.01 0.73 -26.42
CA LEU B 394 21.00 0.74 -26.42
C LEU B 394 22.12 0.76 -25.37
N GLU B 395 21.81 0.33 -24.15
CA GLU B 395 22.82 0.32 -23.10
C GLU B 395 23.92 -0.72 -23.39
N ILE B 396 23.53 -1.85 -23.98
CA ILE B 396 24.53 -2.83 -24.39
C ILE B 396 25.44 -2.22 -25.46
N GLU B 397 24.85 -1.49 -26.40
CA GLU B 397 25.65 -0.85 -27.44
CA GLU B 397 25.62 -0.82 -27.45
C GLU B 397 26.63 0.15 -26.84
N LYS B 398 26.20 0.88 -25.82
CA LYS B 398 27.11 1.79 -25.12
C LYS B 398 28.26 1.04 -24.46
N GLY B 399 27.94 -0.07 -23.82
CA GLY B 399 28.93 -0.90 -23.15
C GLY B 399 29.97 -1.41 -24.13
N ILE B 400 29.51 -1.85 -25.29
CA ILE B 400 30.39 -2.31 -26.36
C ILE B 400 31.30 -1.16 -26.82
N GLU B 401 30.69 0.00 -27.03
CA GLU B 401 31.42 1.19 -27.44
C GLU B 401 32.51 1.55 -26.42
N LEU B 402 32.17 1.44 -25.14
CA LEU B 402 33.11 1.75 -24.07
C LEU B 402 34.31 0.79 -24.07
N LEU B 403 34.08 -0.44 -24.46
CA LEU B 403 35.16 -1.44 -24.51
C LEU B 403 36.02 -1.33 -25.76
N LYS B 404 35.49 -0.71 -26.82
CA LYS B 404 36.26 -0.54 -28.06
C LYS B 404 37.54 0.26 -27.80
FE1 SF4 C . -6.74 2.23 1.08
FE2 SF4 C . -4.76 3.57 2.41
FE3 SF4 C . -6.32 1.76 3.74
FE4 SF4 C . -7.40 4.12 2.93
S1 SF4 C . -5.73 3.84 4.46
S2 SF4 C . -8.33 2.05 2.69
S3 SF4 C . -6.29 4.46 0.97
S4 SF4 C . -4.87 1.32 2.03
FE1 SF4 D . -9.03 -5.78 -5.60
FE2 SF4 D . -9.97 -5.75 -3.03
FE3 SF4 D . -9.10 -8.11 -4.12
FE4 SF4 D . -11.42 -6.96 -5.04
S1 SF4 D . -11.03 -7.77 -2.94
S2 SF4 D . -9.71 -7.84 -6.31
S3 SF4 D . -10.92 -4.75 -4.85
S4 SF4 D . -7.84 -6.25 -3.71
CO B12 E . -19.21 -7.82 -0.05
N21 B12 E . -19.36 -7.34 1.77
N22 B12 E . -17.32 -7.99 0.20
N23 B12 E . -19.19 -7.99 -1.95
N24 B12 E . -21.07 -7.43 -0.08
C1 B12 E . -20.52 -6.51 2.08
C20 B12 E . -20.28 -5.12 1.49
C2 B12 E . -20.56 -6.56 3.67
C25 B12 E . -21.21 -5.32 4.31
C26 B12 E . -21.29 -7.82 4.17
C27 B12 E . -21.54 -7.86 5.71
O28 B12 E . -20.58 -8.09 6.45
N29 B12 E . -22.76 -7.64 6.17
C3 B12 E . -19.03 -6.77 4.00
C30 B12 E . -18.21 -5.47 4.19
C31 B12 E . -18.07 -5.05 5.66
C32 B12 E . -17.24 -3.79 5.84
O34 B12 E . -17.17 -2.94 4.95
N33 B12 E . -16.60 -3.68 7.00
C4 B12 E . -18.54 -7.46 2.76
C5 B12 E . -17.25 -8.15 2.63
C35 B12 E . -16.69 -8.57 3.96
C6 B12 E . -16.65 -8.26 1.39
C7 B12 E . -15.22 -8.71 1.07
C36 B12 E . -14.15 -8.07 1.98
C37 B12 E . -15.19 -10.25 1.09
C38 B12 E . -13.82 -10.78 0.68
O39 B12 E . -13.61 -11.11 -0.49
N40 B12 E . -12.90 -10.88 1.63
C8 B12 E . -15.05 -8.16 -0.37
C41 B12 E . -14.54 -6.71 -0.38
C42 B12 E . -14.45 -6.06 -1.77
C43 B12 E . -14.43 -4.54 -1.71
O44 B12 E . -15.47 -3.90 -1.62
N45 B12 E . -13.23 -3.99 -1.72
C9 B12 E . -16.48 -8.15 -0.84
C10 B12 E . -16.80 -8.27 -2.20
C11 B12 E . -18.10 -8.21 -2.69
C12 B12 E . -18.43 -8.32 -4.16
C46 B12 E . -18.82 -9.77 -4.49
C47 B12 E . -17.30 -7.88 -5.09
C13 B12 E . -19.70 -7.42 -4.21
C48 B12 E . -19.44 -5.93 -4.51
C49 B12 E . -18.79 -5.13 -3.37
C50 B12 E . -18.87 -3.63 -3.50
O51 B12 E . -19.91 -3.08 -3.90
N52 B12 E . -17.78 -2.95 -3.17
C14 B12 E . -20.22 -7.56 -2.78
C15 B12 E . -21.53 -7.34 -2.45
C53 B12 E . -22.54 -7.14 -3.55
C16 B12 E . -21.94 -7.17 -1.02
C17 B12 E . -23.30 -6.71 -0.51
C54 B12 E . -24.30 -7.88 -0.61
C55 B12 E . -23.91 -5.43 -1.15
C56 B12 E . -22.84 -4.38 -1.46
C57 B12 E . -23.42 -3.27 -2.30
O58 B12 E . -24.62 -3.03 -2.30
N59 B12 E . -22.55 -2.58 -3.03
C18 B12 E . -22.94 -6.36 0.95
C60 B12 E . -24.06 -6.61 1.98
C61 B12 E . -25.16 -5.58 1.88
O63 B12 E . -24.89 -4.38 1.87
N62 B12 E . -26.40 -6.04 1.77
C19 B12 E . -21.66 -7.17 1.26
C1P B12 E . -22.92 -1.45 -3.87
C2P B12 E . -22.04 -0.20 -3.54
C3P B12 E . -22.22 0.84 -4.62
O3 B12 E . -22.50 0.35 -2.33
O4 B12 E . -22.98 -1.09 -0.18
O5 B12 E . -20.62 -0.51 -0.92
P B12 E . -22.08 -0.11 -0.83
O2 B12 E . -22.15 1.32 -0.09
C3R B12 E . -21.17 2.34 -0.17
C2R B12 E . -21.12 3.07 -1.50
O7R B12 E . -22.45 3.30 -1.94
C1R B12 E . -20.46 4.40 -1.07
O6R B12 E . -20.72 4.55 0.31
C4R B12 E . -21.53 3.46 0.79
C5R B12 E . -21.24 3.21 2.26
O8R B12 E . -19.87 2.85 2.48
N1B B12 E . -20.96 5.57 -1.78
C8B B12 E . -20.16 6.43 -2.52
C2B B12 E . -22.17 6.19 -1.65
N3B B12 E . -22.23 7.36 -2.24
C9B B12 E . -20.96 7.54 -2.78
C4B B12 E . -20.42 8.60 -3.50
C5B B12 E . -19.10 8.56 -3.94
C5M B12 E . -18.54 9.75 -4.68
C6B B12 E . -18.30 7.43 -3.65
C6M B12 E . -16.87 7.35 -4.12
C7B B12 E . -18.84 6.37 -2.93
C1 GOL F . -23.65 -12.34 -1.13
O1 GOL F . -24.77 -11.73 -0.50
C2 GOL F . -22.47 -11.38 -1.13
O2 GOL F . -22.10 -11.05 0.20
C3 GOL F . -21.28 -12.05 -1.85
O3 GOL F . -20.83 -13.16 -1.10
P PO4 G . -19.91 -14.99 20.47
O1 PO4 G . -20.31 -14.76 19.01
O2 PO4 G . -19.13 -13.81 20.95
O3 PO4 G . -19.05 -16.24 20.47
O4 PO4 G . -21.15 -15.24 21.27
P PO4 H . -9.22 -42.38 -27.45
O1 PO4 H . -8.26 -43.45 -27.95
O2 PO4 H . -10.38 -43.05 -26.78
O3 PO4 H . -9.71 -41.62 -28.66
O4 PO4 H . -8.51 -41.44 -26.54
CL CL I . -40.21 2.95 22.96
FE1 SF4 J . 27.01 27.49 1.44
FE2 SF4 J . 28.98 28.84 2.78
FE3 SF4 J . 27.43 27.01 4.10
FE4 SF4 J . 26.34 29.37 3.29
S1 SF4 J . 28.01 29.09 4.83
S2 SF4 J . 25.42 27.29 3.05
S3 SF4 J . 27.44 29.72 1.34
S4 SF4 J . 28.88 26.60 2.39
FE1 SF4 K . 24.81 19.46 -5.27
FE2 SF4 K . 23.85 19.45 -2.70
FE3 SF4 K . 24.72 17.13 -3.78
FE4 SF4 K . 22.42 18.26 -4.72
S1 SF4 K . 22.78 17.45 -2.61
S2 SF4 K . 24.12 17.39 -5.98
S3 SF4 K . 22.91 20.48 -4.51
S4 SF4 K . 25.98 18.98 -3.37
CO B12 L . 14.61 17.39 0.26
N21 B12 L . 14.45 17.89 2.06
N22 B12 L . 16.50 17.21 0.51
N23 B12 L . 14.64 17.20 -1.65
N24 B12 L . 12.76 17.76 0.21
C1 B12 L . 13.28 18.69 2.37
C20 B12 L . 13.47 20.08 1.78
C2 B12 L . 13.24 18.64 3.94
C25 B12 L . 12.59 19.89 4.56
C26 B12 L . 12.56 17.37 4.44
C27 B12 L . 12.31 17.33 5.97
O28 B12 L . 13.26 17.09 6.73
N29 B12 L . 11.08 17.54 6.40
C3 B12 L . 14.76 18.46 4.30
C30 B12 L . 15.56 19.77 4.51
C31 B12 L . 15.70 20.18 5.98
C32 B12 L . 16.53 21.44 6.16
O34 B12 L . 16.59 22.29 5.26
N33 B12 L . 17.16 21.56 7.30
C4 B12 L . 15.27 17.77 3.06
C5 B12 L . 16.56 17.07 2.93
C35 B12 L . 17.12 16.63 4.25
C6 B12 L . 17.18 16.95 1.70
C7 B12 L . 18.61 16.50 1.39
C36 B12 L . 19.66 17.15 2.31
C37 B12 L . 18.63 14.96 1.41
C38 B12 L . 20.01 14.42 0.97
O39 B12 L . 20.18 14.05 -0.20
N40 B12 L . 20.96 14.36 1.90
C8 B12 L . 18.78 17.04 -0.05
C41 B12 L . 19.30 18.50 -0.05
C42 B12 L . 19.39 19.15 -1.43
C43 B12 L . 19.36 20.66 -1.35
O44 B12 L . 18.28 21.27 -1.27
N45 B12 L . 20.52 21.27 -1.33
C9 B12 L . 17.35 17.05 -0.52
C10 B12 L . 17.04 16.92 -1.89
C11 B12 L . 15.74 16.97 -2.38
C12 B12 L . 15.40 16.84 -3.84
C46 B12 L . 14.98 15.40 -4.15
C47 B12 L . 16.54 17.25 -4.80
C13 B12 L . 14.12 17.76 -3.91
C48 B12 L . 14.40 19.25 -4.21
C49 B12 L . 15.07 20.05 -3.08
C50 B12 L . 14.92 21.55 -3.20
O51 B12 L . 13.88 22.06 -3.64
N52 B12 L . 15.96 22.28 -2.81
C14 B12 L . 13.61 17.62 -2.47
C15 B12 L . 12.30 17.84 -2.16
C53 B12 L . 11.31 18.06 -3.28
C16 B12 L . 11.88 18.02 -0.74
C17 B12 L . 10.52 18.46 -0.23
C54 B12 L . 9.53 17.28 -0.35
C55 B12 L . 9.90 19.73 -0.87
C56 B12 L . 10.94 20.82 -1.17
C57 B12 L . 10.36 21.93 -2.01
O58 B12 L . 9.16 22.20 -1.96
N59 B12 L . 11.21 22.58 -2.79
C18 B12 L . 10.87 18.81 1.23
C60 B12 L . 9.75 18.56 2.26
C61 B12 L . 8.65 19.59 2.17
O63 B12 L . 8.91 20.80 2.20
N62 B12 L . 7.42 19.13 2.05
C19 B12 L . 12.15 18.00 1.55
C1P B12 L . 10.86 23.74 -3.59
C2P B12 L . 11.73 24.98 -3.21
C3P B12 L . 11.53 26.06 -4.25
O3 B12 L . 11.28 25.51 -1.97
O4 B12 L . 10.79 24.08 0.18
O5 B12 L . 13.17 24.65 -0.60
P B12 L . 11.70 25.05 -0.47
O2 B12 L . 11.67 26.50 0.23
C3R B12 L . 12.65 27.52 0.15
C2R B12 L . 12.72 28.24 -1.20
O7R B12 L . 11.40 28.42 -1.68
C1R B12 L . 13.35 29.58 -0.77
O6R B12 L . 13.06 29.76 0.60
C4R B12 L . 12.28 28.65 1.10
C5R B12 L . 12.59 28.41 2.56
O8R B12 L . 13.95 28.07 2.76
N1B B12 L . 12.82 30.73 -1.50
C8B B12 L . 13.62 31.64 -2.16
C2B B12 L . 11.59 31.31 -1.38
N3B B12 L . 11.52 32.51 -1.91
C9B B12 L . 12.80 32.73 -2.41
C4B B12 L . 13.32 33.84 -3.07
C5B B12 L . 14.65 33.85 -3.46
C5M B12 L . 15.21 35.08 -4.15
C6B B12 L . 15.48 32.74 -3.19
C6M B12 L . 16.93 32.72 -3.60
C7B B12 L . 14.95 31.62 -2.55
C1 GOL M . 10.25 12.80 -0.74
O1 GOL M . 9.09 13.38 -0.17
C2 GOL M . 11.38 13.82 -0.82
O2 GOL M . 11.82 14.16 0.48
C3 GOL M . 12.57 13.24 -1.58
O3 GOL M . 13.02 12.08 -0.89
CL CL N . -6.21 28.27 23.32
#